data_8E9X
#
_entry.id   8E9X
#
_cell.length_a   1.00
_cell.length_b   1.00
_cell.length_c   1.00
_cell.angle_alpha   90.00
_cell.angle_beta   90.00
_cell.angle_gamma   90.00
#
_symmetry.space_group_name_H-M   'P 1'
#
loop_
_entity.id
_entity.type
_entity.pdbx_description
1 polymer 'Muscarinic acetylcholine receptor M4'
2 polymer miniGo
3 polymer 'Guanine nucleotide-binding protein G(I)/G(S)/G(T) subunit beta-1'
4 polymer 'Guanine nucleotide-binding protein G(I)/G(S)/G(O) subunit gamma-2'
5 polymer scFv16
6 non-polymer 11-(4-methylpiperazin-1-yl)-5H-dibenzo[b,e][1,4]diazepine
#
loop_
_entity_poly.entity_id
_entity_poly.type
_entity_poly.pdbx_seq_one_letter_code
_entity_poly.pdbx_strand_id
1 'polypeptide(L)'
;MANFTPVNGSSGNQSVRLVTSSSHNRYETVEMVFIATVTGSLSLVTVVGNILVMLSIKVNRQLQTVNNYFLFSLACADLI
IGAFSMNLYTVYIIKGYWPLGAVVCDLWLALDCVVSNASVMNLLIISFDRYFCVTKPLTYPARRTTKMAGLMIAAAWVLS
FVLWAPAILFWQFVVGKRTVPDNQCFIQFLSNPAVTFGTAIAGFYLPVVIMTVLYIHISLASRSRVHKHRPEGPKEKKAK
TLARKFASIARNQVRKKRQMAARERKVTRTIFAILLAFILTWTPYNVMVLVNTFCQSCIPDTVWSIGYWLCYVNSTINPA
CYALCNATFKKTFRHLLLCQYRNIGTAR
;
A
2 'polypeptide(L)'
;TLSAEDKAAVERSKMIEKNLKEDGISAAKDVKLLLLGADNSGKSTIVKQMKIIHGGSGGSGGTTGIVETHFTFKNLHFRL
FDVGGQRSERKKWIHCFEDVTAIIFCVDLSDYNRMHESLMLFDSICNNKFFIDTSIILFLNKKDLFGEKIKKSPLTICFP
EYTGPNTYEDAAAYIQAQFESKNRSPNKEIYCHMTCATDTNNAQVIFDAVTDIIIANNLRGCGLY
;
B
3 'polypeptide(L)'
;SELDQLRQEAEQLKNQIRDARKACADATLSQITNNIDPVGRIQMRTRRTLRGHLAKIYAMHWGTDSRLLVSASQDGKLII
WDSYTTNKVHAIPLRSSWVMTCAYAPSGNYVACGGLDNICSIYNLKTREGNVRVSRELAGHTGYLSCCRFLDDNQIVTSS
GDTTCALWDIETGQQTTTFTGHTGDVMSLSLAPDTRLFVSGACDASAKLWDVREGMCRQTFTGHESDINAICFFPNGNAF
ATGSDDATCRLFDLRADQELMTYSHDNIICGITSVSFSKSGRLLLAGYDDFNCNVWDALKADRAGVLAGHDNRVSCLGVT
DDGMAVATGSWDSFLKIWN
;
C
4 'polypeptide(L)' MASNNTASIAQARKLVEQLKMEANIDRIKVSKAAADLMAYCEAHAKEDPLLTPVPASENPFREKKFFCAIL D
5 'polypeptide(L)'
;DVQLVESGGGLVQPGGSRKLSCSASGFAFSSFGMHWVRQAPEKGLEWVAYISSGSGTIYYADTVKGRFTISRDDPKNTLF
LQMTSLRSEDTAMYYCVRSIYYYGSSPFDFWGQGTTLTVSSGGGGSGGGGSGGGGSDIVMTQATSSVPVTPGESVSISCR
SSKSLLHSNGNTYLYWFLQRPGQSPQLLIYRMSNLASGVPDRFSGSGSGTAFTLTISRLEAEDVGVYYCMQHLEYPLTFG
AGTKLELKAAA
;
E
#
# COMPACT_ATOMS: atom_id res chain seq x y z
N TYR A 27 36.62 46.73 -27.85
CA TYR A 27 36.81 45.39 -27.32
C TYR A 27 37.95 44.68 -28.04
N GLU A 28 38.25 43.46 -27.60
CA GLU A 28 39.33 42.68 -28.20
C GLU A 28 38.98 41.20 -28.10
N THR A 29 39.77 40.38 -28.81
CA THR A 29 39.52 38.94 -28.81
C THR A 29 39.70 38.34 -27.42
N VAL A 30 40.70 38.80 -26.67
CA VAL A 30 40.91 38.30 -25.32
C VAL A 30 39.73 38.68 -24.42
N GLU A 31 39.26 39.92 -24.52
CA GLU A 31 38.18 40.38 -23.67
C GLU A 31 36.89 39.62 -23.94
N MET A 32 36.55 39.41 -25.22
CA MET A 32 35.30 38.73 -25.54
C MET A 32 35.34 37.26 -25.14
N VAL A 33 36.51 36.62 -25.24
CA VAL A 33 36.66 35.27 -24.71
C VAL A 33 36.49 35.27 -23.19
N PHE A 34 37.08 36.27 -22.53
CA PHE A 34 36.97 36.35 -21.07
C PHE A 34 35.51 36.56 -20.63
N ILE A 35 34.78 37.42 -21.33
CA ILE A 35 33.38 37.65 -21.00
C ILE A 35 32.56 36.38 -21.21
N ALA A 36 32.79 35.68 -22.32
CA ALA A 36 32.03 34.47 -22.62
C ALA A 36 32.30 33.38 -21.60
N THR A 37 33.57 33.24 -21.17
CA THR A 37 33.91 32.18 -20.22
C THR A 37 33.22 32.38 -18.88
N VAL A 38 33.16 33.63 -18.40
CA VAL A 38 32.51 33.92 -17.13
C VAL A 38 31.03 33.60 -17.21
N THR A 39 30.38 34.05 -18.29
CA THR A 39 28.94 33.81 -18.43
C THR A 39 28.65 32.36 -18.79
N GLY A 40 29.46 31.77 -19.68
CA GLY A 40 29.21 30.40 -20.10
C GLY A 40 29.28 29.42 -18.94
N SER A 41 30.30 29.57 -18.08
CA SER A 41 30.37 28.75 -16.88
C SER A 41 29.22 29.06 -15.93
N LEU A 42 28.87 30.34 -15.79
CA LEU A 42 27.76 30.72 -14.91
C LEU A 42 26.44 30.22 -15.45
N SER A 43 26.26 30.25 -16.78
CA SER A 43 25.03 29.73 -17.37
C SER A 43 24.92 28.22 -17.18
N LEU A 44 26.07 27.53 -17.10
CA LEU A 44 26.03 26.10 -16.82
C LEU A 44 25.53 25.81 -15.42
N VAL A 45 25.77 26.71 -14.47
CA VAL A 45 25.30 26.51 -13.10
C VAL A 45 23.78 26.40 -13.08
N THR A 46 23.09 27.25 -13.83
CA THR A 46 21.63 27.25 -13.83
C THR A 46 21.07 25.92 -14.33
N VAL A 47 21.64 25.38 -15.42
CA VAL A 47 21.15 24.12 -15.95
C VAL A 47 21.61 22.93 -15.12
N VAL A 48 22.66 23.09 -14.33
CA VAL A 48 23.07 22.05 -13.39
C VAL A 48 22.37 22.21 -12.05
N GLY A 49 22.17 23.45 -11.59
CA GLY A 49 21.38 23.68 -10.40
C GLY A 49 19.97 23.16 -10.55
N ASN A 50 19.33 23.39 -11.68
CA ASN A 50 17.87 23.11 -11.73
C ASN A 50 17.53 21.70 -12.25
N ILE A 51 18.04 21.28 -13.40
CA ILE A 51 17.60 19.97 -13.96
C ILE A 51 17.74 18.91 -12.87
N LEU A 52 18.74 19.04 -11.99
CA LEU A 52 18.90 18.11 -10.86
C LEU A 52 17.60 18.10 -10.09
N VAL A 53 17.27 19.25 -9.52
CA VAL A 53 16.07 19.40 -8.71
C VAL A 53 14.91 18.65 -9.34
N MET A 54 14.77 18.74 -10.66
CA MET A 54 13.74 17.96 -11.36
C MET A 54 13.98 16.46 -11.19
N LEU A 55 15.24 16.03 -11.35
CA LEU A 55 15.56 14.61 -11.21
C LEU A 55 15.35 14.13 -9.78
N SER A 56 15.75 14.94 -8.80
CA SER A 56 15.64 14.52 -7.40
C SER A 56 14.20 14.24 -7.02
N ILE A 57 13.25 15.03 -7.54
CA ILE A 57 11.85 14.73 -7.31
C ILE A 57 11.46 13.41 -7.96
N LYS A 58 11.94 13.18 -9.19
CA LYS A 58 11.55 11.99 -9.94
C LYS A 58 12.22 10.74 -9.38
N VAL A 59 13.52 10.80 -9.11
CA VAL A 59 14.26 9.60 -8.74
C VAL A 59 14.08 9.23 -7.27
N ASN A 60 13.65 10.16 -6.43
CA ASN A 60 13.46 9.89 -5.00
C ASN A 60 11.96 9.92 -4.69
N ARG A 61 11.45 8.80 -4.19
CA ARG A 61 10.03 8.75 -3.81
C ARG A 61 9.78 9.53 -2.52
N GLN A 62 10.76 9.59 -1.63
CA GLN A 62 10.60 10.36 -0.40
C GLN A 62 10.44 11.84 -0.70
N LEU A 63 11.21 12.37 -1.65
CA LEU A 63 11.08 13.76 -2.08
C LEU A 63 10.11 13.89 -3.24
N GLN A 64 8.92 13.33 -3.07
CA GLN A 64 7.84 13.43 -4.06
C GLN A 64 6.57 13.75 -3.28
N THR A 65 6.34 15.05 -3.05
CA THR A 65 5.20 15.52 -2.28
C THR A 65 4.57 16.70 -2.98
N VAL A 66 3.44 17.16 -2.43
CA VAL A 66 2.75 18.32 -2.99
C VAL A 66 3.63 19.57 -2.86
N ASN A 67 4.31 19.72 -1.73
CA ASN A 67 5.18 20.87 -1.53
C ASN A 67 6.33 20.87 -2.53
N ASN A 68 6.92 19.71 -2.78
CA ASN A 68 8.04 19.63 -3.71
C ASN A 68 7.61 19.77 -5.16
N TYR A 69 6.33 19.54 -5.47
CA TYR A 69 5.84 19.79 -6.82
C TYR A 69 5.90 21.27 -7.17
N PHE A 70 5.77 22.14 -6.17
CA PHE A 70 5.89 23.58 -6.40
C PHE A 70 7.32 23.94 -6.79
N LEU A 71 8.31 23.25 -6.21
CA LEU A 71 9.69 23.48 -6.60
C LEU A 71 9.96 23.00 -8.02
N PHE A 72 9.23 21.99 -8.48
CA PHE A 72 9.38 21.53 -9.85
C PHE A 72 8.97 22.61 -10.85
N SER A 73 7.88 23.32 -10.57
CA SER A 73 7.45 24.40 -11.44
C SER A 73 8.46 25.53 -11.46
N LEU A 74 9.04 25.87 -10.30
CA LEU A 74 10.07 26.89 -10.25
C LEU A 74 11.31 26.46 -11.03
N ALA A 75 11.62 25.17 -11.04
CA ALA A 75 12.76 24.69 -11.80
C ALA A 75 12.55 24.89 -13.30
N CYS A 76 11.31 24.72 -13.77
CA CYS A 76 11.02 24.94 -15.18
C CYS A 76 11.26 26.40 -15.57
N ALA A 77 10.84 27.34 -14.71
CA ALA A 77 11.07 28.75 -15.00
C ALA A 77 12.55 29.07 -15.01
N ASP A 78 13.32 28.50 -14.08
CA ASP A 78 14.75 28.75 -14.03
C ASP A 78 15.48 28.11 -15.21
N LEU A 79 15.01 26.94 -15.65
CA LEU A 79 15.66 26.24 -16.76
C LEU A 79 15.54 27.03 -18.05
N ILE A 80 14.36 27.58 -18.33
CA ILE A 80 14.16 28.33 -19.57
C ILE A 80 15.04 29.58 -19.58
N ILE A 81 15.13 30.27 -18.44
CA ILE A 81 16.02 31.42 -18.35
C ILE A 81 17.47 31.00 -18.54
N GLY A 82 17.85 29.86 -17.97
CA GLY A 82 19.22 29.40 -18.07
C GLY A 82 19.60 28.84 -19.42
N ALA A 83 18.62 28.51 -20.26
CA ALA A 83 18.87 27.93 -21.57
C ALA A 83 18.58 28.87 -22.72
N PHE A 84 17.68 29.84 -22.53
CA PHE A 84 17.27 30.73 -23.61
C PHE A 84 17.55 32.20 -23.33
N SER A 85 17.26 32.68 -22.12
CA SER A 85 17.32 34.11 -21.85
C SER A 85 18.76 34.59 -21.68
N MET A 86 19.46 34.07 -20.67
CA MET A 86 20.79 34.58 -20.35
C MET A 86 21.85 34.14 -21.33
N ASN A 87 21.54 33.18 -22.22
CA ASN A 87 22.46 32.81 -23.28
C ASN A 87 22.32 33.72 -24.49
N LEU A 88 21.10 34.15 -24.82
CA LEU A 88 20.89 35.05 -25.94
C LEU A 88 21.34 36.47 -25.61
N TYR A 89 21.45 36.82 -24.33
CA TYR A 89 21.97 38.12 -23.95
C TYR A 89 23.50 38.19 -23.99
N THR A 90 24.17 37.04 -24.09
CA THR A 90 25.61 37.07 -24.32
C THR A 90 25.93 37.68 -25.68
N VAL A 91 25.11 37.38 -26.68
CA VAL A 91 25.32 37.93 -28.01
C VAL A 91 25.15 39.45 -28.00
N TYR A 92 24.18 39.95 -27.23
CA TYR A 92 23.91 41.39 -27.21
C TYR A 92 25.10 42.17 -26.68
N ILE A 93 25.74 41.69 -25.63
CA ILE A 93 26.83 42.44 -25.01
C ILE A 93 28.14 42.21 -25.76
N ILE A 94 28.36 40.99 -26.24
CA ILE A 94 29.60 40.70 -26.97
C ILE A 94 29.64 41.44 -28.30
N LYS A 95 28.54 41.37 -29.06
CA LYS A 95 28.50 42.02 -30.36
C LYS A 95 28.36 43.53 -30.23
N GLY A 96 27.57 43.99 -29.25
CA GLY A 96 27.26 45.39 -29.11
C GLY A 96 25.99 45.83 -29.81
N TYR A 97 25.40 44.98 -30.64
CA TYR A 97 24.14 45.27 -31.30
C TYR A 97 23.33 43.99 -31.33
N TRP A 98 22.16 44.04 -31.98
CA TRP A 98 21.33 42.86 -32.13
C TRP A 98 21.51 42.32 -33.54
N PRO A 99 22.21 41.19 -33.73
CA PRO A 99 22.46 40.72 -35.09
C PRO A 99 21.28 39.95 -35.68
N LEU A 100 20.50 39.30 -34.83
CA LEU A 100 19.35 38.55 -35.29
C LEU A 100 18.25 39.52 -35.75
N GLY A 101 17.17 38.95 -36.28
CA GLY A 101 16.09 39.73 -36.83
C GLY A 101 15.25 40.40 -35.76
N ALA A 102 14.01 40.74 -36.15
CA ALA A 102 13.07 41.39 -35.25
C ALA A 102 11.96 40.47 -34.77
N VAL A 103 11.57 39.49 -35.58
CA VAL A 103 10.55 38.54 -35.14
C VAL A 103 11.09 37.65 -34.04
N VAL A 104 12.36 37.25 -34.13
CA VAL A 104 12.95 36.39 -33.11
C VAL A 104 13.11 37.12 -31.79
N CYS A 105 13.48 38.41 -31.83
CA CYS A 105 13.62 39.16 -30.60
C CYS A 105 12.26 39.53 -30.01
N ASP A 106 11.22 39.61 -30.83
CA ASP A 106 9.87 39.78 -30.31
C ASP A 106 9.46 38.59 -29.45
N LEU A 107 10.00 37.41 -29.75
CA LEU A 107 9.73 36.21 -28.97
C LEU A 107 10.65 36.08 -27.77
N TRP A 108 11.92 36.47 -27.92
CA TRP A 108 12.87 36.39 -26.81
C TRP A 108 12.44 37.29 -25.67
N LEU A 109 12.06 38.54 -25.98
CA LEU A 109 11.60 39.45 -24.94
C LEU A 109 10.28 38.96 -24.34
N ALA A 110 9.39 38.44 -25.18
CA ALA A 110 8.14 37.87 -24.67
C ALA A 110 8.41 36.66 -23.78
N LEU A 111 9.33 35.80 -24.19
CA LEU A 111 9.68 34.63 -23.39
C LEU A 111 10.27 35.05 -22.05
N ASP A 112 11.21 36.00 -22.08
CA ASP A 112 11.83 36.46 -20.84
C ASP A 112 10.83 37.13 -19.92
N CYS A 113 9.93 37.95 -20.47
CA CYS A 113 8.97 38.68 -19.65
C CYS A 113 7.84 37.79 -19.15
N VAL A 114 7.73 36.55 -19.64
CA VAL A 114 6.71 35.62 -19.18
C VAL A 114 7.30 34.57 -18.24
N VAL A 115 8.42 33.97 -18.62
CA VAL A 115 9.01 32.93 -17.78
C VAL A 115 9.55 33.50 -16.48
N SER A 116 10.02 34.76 -16.51
CA SER A 116 10.46 35.38 -15.27
C SER A 116 9.29 35.68 -14.35
N ASN A 117 8.16 36.07 -14.95
CA ASN A 117 6.93 36.32 -14.14
C ASN A 117 6.51 34.99 -13.49
N ALA A 118 6.60 33.89 -14.23
CA ALA A 118 6.22 32.58 -13.68
C ALA A 118 7.07 32.23 -12.47
N SER A 119 8.38 32.50 -12.55
CA SER A 119 9.25 32.22 -11.41
C SER A 119 8.84 33.04 -10.19
N VAL A 120 8.45 34.30 -10.39
CA VAL A 120 7.97 35.12 -9.29
C VAL A 120 6.70 34.53 -8.70
N MET A 121 5.78 34.08 -9.57
CA MET A 121 4.53 33.52 -9.07
C MET A 121 4.73 32.17 -8.39
N ASN A 122 5.66 31.35 -8.89
CA ASN A 122 5.96 30.10 -8.18
C ASN A 122 6.55 30.38 -6.80
N LEU A 123 7.26 31.49 -6.64
CA LEU A 123 7.69 31.89 -5.31
C LEU A 123 6.52 32.36 -4.45
N LEU A 124 5.48 32.93 -5.08
CA LEU A 124 4.32 33.40 -4.32
C LEU A 124 3.46 32.24 -3.84
N ILE A 125 3.29 31.21 -4.69
CA ILE A 125 2.49 30.07 -4.28
C ILE A 125 3.25 29.14 -3.33
N ILE A 126 4.58 29.19 -3.33
CA ILE A 126 5.35 28.50 -2.30
C ILE A 126 5.12 29.15 -0.95
N SER A 127 5.12 30.49 -0.91
CA SER A 127 4.85 31.20 0.33
C SER A 127 3.44 30.94 0.82
N PHE A 128 2.46 30.92 -0.09
CA PHE A 128 1.09 30.60 0.29
C PHE A 128 0.97 29.17 0.82
N ASP A 129 1.63 28.23 0.15
CA ASP A 129 1.61 26.84 0.61
C ASP A 129 2.24 26.73 1.99
N ARG A 130 3.42 27.36 2.17
CA ARG A 130 4.09 27.31 3.47
C ARG A 130 3.28 28.02 4.54
N TYR A 131 2.63 29.12 4.18
CA TYR A 131 1.86 29.88 5.17
C TYR A 131 0.72 29.05 5.74
N PHE A 132 0.00 28.32 4.89
CA PHE A 132 -1.14 27.55 5.35
C PHE A 132 -0.73 26.28 6.08
N CYS A 133 0.42 25.69 5.71
CA CYS A 133 0.87 24.48 6.37
C CYS A 133 1.35 24.73 7.80
N VAL A 134 1.59 25.98 8.17
CA VAL A 134 2.02 26.32 9.52
C VAL A 134 0.90 26.99 10.30
N THR A 135 0.14 27.88 9.67
CA THR A 135 -0.96 28.54 10.38
C THR A 135 -2.13 27.60 10.60
N LYS A 136 -2.38 26.67 9.68
CA LYS A 136 -3.41 25.64 9.83
C LYS A 136 -2.78 24.28 9.57
N PRO A 137 -1.96 23.79 10.51
CA PRO A 137 -1.28 22.50 10.28
C PRO A 137 -2.19 21.30 10.34
N LEU A 138 -3.41 21.45 10.88
CA LEU A 138 -4.26 20.30 11.11
C LEU A 138 -5.07 19.94 9.87
N THR A 139 -5.66 20.95 9.21
CA THR A 139 -6.62 20.70 8.14
C THR A 139 -6.12 21.02 6.74
N TYR A 140 -5.21 21.98 6.59
CA TYR A 140 -4.77 22.37 5.25
C TYR A 140 -4.04 21.27 4.50
N PRO A 141 -3.05 20.56 5.07
CA PRO A 141 -2.34 19.55 4.28
C PRO A 141 -3.24 18.45 3.74
N ALA A 142 -4.34 18.15 4.43
CA ALA A 142 -5.27 17.14 3.92
C ALA A 142 -6.25 17.74 2.91
N ARG A 143 -6.74 18.96 3.17
CA ARG A 143 -7.68 19.59 2.26
C ARG A 143 -7.05 19.86 0.90
N ARG A 144 -5.83 20.39 0.89
CA ARG A 144 -5.13 20.72 -0.35
C ARG A 144 -4.58 19.43 -0.96
N THR A 145 -5.24 18.92 -1.98
CA THR A 145 -4.86 17.68 -2.63
C THR A 145 -3.91 17.96 -3.78
N THR A 146 -3.55 16.90 -4.51
CA THR A 146 -2.67 17.04 -5.67
C THR A 146 -3.33 17.85 -6.76
N LYS A 147 -4.63 17.62 -7.00
CA LYS A 147 -5.34 18.34 -8.05
C LYS A 147 -5.39 19.84 -7.77
N MET A 148 -5.63 20.21 -6.50
CA MET A 148 -5.68 21.63 -6.15
C MET A 148 -4.33 22.31 -6.36
N ALA A 149 -3.23 21.59 -6.12
CA ALA A 149 -1.91 22.15 -6.38
C ALA A 149 -1.71 22.42 -7.87
N GLY A 150 -2.16 21.51 -8.72
CA GLY A 150 -2.02 21.71 -10.16
C GLY A 150 -2.80 22.91 -10.66
N LEU A 151 -3.97 23.15 -10.08
CA LEU A 151 -4.74 24.34 -10.44
C LEU A 151 -3.99 25.61 -10.08
N MET A 152 -3.37 25.64 -8.91
CA MET A 152 -2.58 26.80 -8.51
C MET A 152 -1.33 26.96 -9.37
N ILE A 153 -0.67 25.84 -9.70
CA ILE A 153 0.53 25.91 -10.53
C ILE A 153 0.19 26.41 -11.92
N ALA A 154 -0.90 25.90 -12.51
CA ALA A 154 -1.29 26.34 -13.84
C ALA A 154 -1.73 27.80 -13.85
N ALA A 155 -2.25 28.28 -12.72
CA ALA A 155 -2.66 29.68 -12.63
C ALA A 155 -1.47 30.62 -12.76
N ALA A 156 -0.31 30.19 -12.24
CA ALA A 156 0.89 31.02 -12.34
C ALA A 156 1.31 31.23 -13.80
N TRP A 157 1.27 30.17 -14.59
CA TRP A 157 1.67 30.28 -16.00
C TRP A 157 0.58 30.96 -16.83
N VAL A 158 -0.69 30.68 -16.53
CA VAL A 158 -1.78 31.32 -17.25
C VAL A 158 -1.76 32.82 -17.02
N LEU A 159 -1.55 33.25 -15.78
CA LEU A 159 -1.43 34.68 -15.49
C LEU A 159 -0.20 35.28 -16.16
N SER A 160 0.86 34.49 -16.33
CA SER A 160 2.07 35.00 -16.97
C SER A 160 1.81 35.36 -18.44
N PHE A 161 1.09 34.51 -19.16
CA PHE A 161 0.81 34.78 -20.57
C PHE A 161 -0.03 36.04 -20.74
N VAL A 162 -1.13 36.14 -19.98
CA VAL A 162 -2.10 37.20 -20.21
C VAL A 162 -1.47 38.58 -19.97
N LEU A 163 -0.71 38.71 -18.89
CA LEU A 163 -0.23 40.04 -18.50
C LEU A 163 0.87 40.55 -19.42
N TRP A 164 1.66 39.64 -20.02
CA TRP A 164 2.84 40.04 -20.77
C TRP A 164 2.75 39.74 -22.26
N ALA A 165 2.34 38.52 -22.63
CA ALA A 165 2.46 38.11 -24.04
C ALA A 165 1.70 39.01 -25.00
N PRO A 166 0.42 39.35 -24.78
CA PRO A 166 -0.24 40.30 -25.70
C PRO A 166 0.42 41.66 -25.71
N ALA A 167 0.99 42.09 -24.58
CA ALA A 167 1.54 43.44 -24.48
C ALA A 167 2.79 43.59 -25.33
N ILE A 168 3.72 42.63 -25.24
CA ILE A 168 5.00 42.79 -25.91
C ILE A 168 4.96 42.22 -27.33
N LEU A 169 4.38 41.04 -27.50
CA LEU A 169 4.44 40.39 -28.84
C LEU A 169 3.61 41.19 -29.86
N PHE A 170 2.43 41.70 -29.45
CA PHE A 170 1.52 42.41 -30.38
C PHE A 170 1.31 43.86 -29.95
N TRP A 171 2.42 44.59 -29.71
CA TRP A 171 2.35 45.99 -29.23
C TRP A 171 2.42 46.96 -30.42
N GLN A 172 3.59 47.03 -31.08
CA GLN A 172 3.77 48.00 -32.19
C GLN A 172 2.62 47.84 -33.19
N PHE A 173 2.12 46.61 -33.36
CA PHE A 173 1.01 46.35 -34.31
C PHE A 173 -0.16 47.27 -33.96
N VAL A 174 -0.44 47.45 -32.67
CA VAL A 174 -1.60 48.28 -32.22
C VAL A 174 -1.08 49.60 -31.63
N VAL A 175 0.23 49.86 -31.76
CA VAL A 175 0.81 51.09 -31.12
C VAL A 175 1.64 51.84 -32.16
N GLY A 176 0.99 52.54 -33.09
CA GLY A 176 1.72 53.37 -34.08
C GLY A 176 2.94 52.66 -34.65
N LYS A 177 2.75 51.49 -35.26
CA LYS A 177 3.86 50.75 -35.90
C LYS A 177 4.97 50.52 -34.85
N ARG A 178 6.21 50.27 -35.30
CA ARG A 178 7.31 49.96 -34.35
C ARG A 178 8.02 51.22 -33.93
N THR A 179 9.09 51.05 -33.16
CA THR A 179 9.88 52.18 -32.74
C THR A 179 11.32 51.80 -32.48
N VAL A 180 11.62 50.50 -32.40
CA VAL A 180 12.97 50.02 -32.11
C VAL A 180 13.72 49.80 -33.41
N PRO A 181 14.99 50.23 -33.50
CA PRO A 181 15.77 49.99 -34.72
C PRO A 181 16.01 48.51 -34.96
N ASP A 182 16.60 48.21 -36.12
CA ASP A 182 16.86 46.84 -36.54
C ASP A 182 18.20 46.32 -36.03
N ASN A 183 18.97 47.14 -35.33
CA ASN A 183 20.22 46.69 -34.71
C ASN A 183 20.16 46.70 -33.19
N GLN A 184 19.03 47.06 -32.60
CA GLN A 184 18.86 47.07 -31.15
C GLN A 184 17.52 46.44 -30.81
N CYS A 185 17.39 46.00 -29.57
CA CYS A 185 16.17 45.34 -29.12
C CYS A 185 15.88 45.72 -27.67
N PHE A 186 14.67 46.18 -27.41
CA PHE A 186 14.25 46.51 -26.05
C PHE A 186 12.73 46.47 -25.99
N ILE A 187 12.22 46.43 -24.75
CA ILE A 187 10.78 46.48 -24.55
C ILE A 187 10.25 47.81 -25.08
N GLN A 188 9.24 47.73 -25.94
CA GLN A 188 8.76 48.92 -26.63
C GLN A 188 7.74 49.72 -25.83
N PHE A 189 6.95 49.07 -24.98
CA PHE A 189 5.94 49.79 -24.21
C PHE A 189 6.51 50.47 -22.97
N LEU A 190 7.84 50.56 -22.85
CA LEU A 190 8.45 51.32 -21.77
C LEU A 190 8.25 52.82 -21.91
N SER A 191 7.80 53.29 -23.08
CA SER A 191 7.57 54.72 -23.27
C SER A 191 6.40 55.20 -22.42
N ASN A 192 5.35 54.39 -22.32
CA ASN A 192 4.16 54.79 -21.58
C ASN A 192 4.39 54.59 -20.08
N PRO A 193 4.36 55.65 -19.27
CA PRO A 193 4.52 55.44 -17.83
C PRO A 193 3.37 54.68 -17.19
N ALA A 194 2.16 54.77 -17.76
CA ALA A 194 1.01 54.08 -17.19
C ALA A 194 1.16 52.57 -17.30
N VAL A 195 1.55 52.08 -18.49
CA VAL A 195 1.71 50.64 -18.68
C VAL A 195 2.90 50.12 -17.89
N THR A 196 3.98 50.91 -17.82
CA THR A 196 5.18 50.48 -17.09
C THR A 196 4.87 50.27 -15.62
N PHE A 197 4.14 51.19 -15.00
CA PHE A 197 3.73 51.02 -13.61
C PHE A 197 2.80 49.81 -13.45
N GLY A 198 1.88 49.63 -14.40
CA GLY A 198 0.94 48.53 -14.29
C GLY A 198 1.61 47.16 -14.31
N THR A 199 2.58 46.97 -15.22
CA THR A 199 3.25 45.69 -15.31
C THR A 199 4.27 45.49 -14.19
N ALA A 200 4.99 46.54 -13.79
CA ALA A 200 5.99 46.41 -12.75
C ALA A 200 5.35 46.10 -11.40
N ILE A 201 4.29 46.82 -11.05
CA ILE A 201 3.60 46.57 -9.78
C ILE A 201 3.02 45.17 -9.75
N ALA A 202 2.41 44.75 -10.86
CA ALA A 202 1.74 43.45 -10.92
C ALA A 202 2.70 42.31 -11.23
N GLY A 203 3.99 42.57 -11.40
CA GLY A 203 4.93 41.50 -11.67
C GLY A 203 5.96 41.28 -10.58
N PHE A 204 6.38 42.35 -9.92
CA PHE A 204 7.38 42.22 -8.86
C PHE A 204 6.96 42.86 -7.55
N TYR A 205 6.35 44.04 -7.58
CA TYR A 205 6.12 44.79 -6.35
C TYR A 205 5.01 44.16 -5.51
N LEU A 206 3.90 43.79 -6.15
CA LEU A 206 2.83 43.12 -5.40
C LEU A 206 3.25 41.75 -4.88
N PRO A 207 3.88 40.86 -5.67
CA PRO A 207 4.22 39.54 -5.14
C PRO A 207 5.37 39.55 -4.13
N VAL A 208 5.96 40.72 -3.89
CA VAL A 208 6.97 40.87 -2.85
C VAL A 208 6.35 41.34 -1.54
N VAL A 209 5.40 42.28 -1.61
CA VAL A 209 4.72 42.75 -0.40
C VAL A 209 3.98 41.60 0.26
N ILE A 210 3.29 40.78 -0.54
CA ILE A 210 2.61 39.61 0.00
C ILE A 210 3.61 38.62 0.57
N MET A 211 4.71 38.38 -0.15
CA MET A 211 5.69 37.41 0.30
C MET A 211 6.33 37.81 1.63
N THR A 212 6.68 39.09 1.77
CA THR A 212 7.26 39.56 3.02
C THR A 212 6.26 39.49 4.16
N VAL A 213 5.00 39.84 3.90
CA VAL A 213 3.98 39.77 4.93
C VAL A 213 3.75 38.33 5.37
N LEU A 214 3.63 37.42 4.39
CA LEU A 214 3.37 36.02 4.72
C LEU A 214 4.55 35.40 5.47
N TYR A 215 5.78 35.72 5.07
CA TYR A 215 6.95 35.13 5.70
C TYR A 215 7.24 35.75 7.07
N ILE A 216 6.72 36.94 7.35
CA ILE A 216 6.79 37.47 8.71
C ILE A 216 5.85 36.69 9.62
N HIS A 217 4.65 36.37 9.14
CA HIS A 217 3.70 35.61 9.95
C HIS A 217 4.15 34.17 10.15
N ILE A 218 4.82 33.58 9.15
CA ILE A 218 5.28 32.20 9.29
C ILE A 218 6.39 32.12 10.33
N SER A 219 7.16 33.19 10.53
CA SER A 219 8.16 33.21 11.59
C SER A 219 7.51 33.35 12.96
N LEU A 220 6.45 34.16 13.05
CA LEU A 220 5.71 34.29 14.30
C LEU A 220 4.98 33.00 14.65
N ALA A 221 4.55 32.25 13.64
CA ALA A 221 3.83 31.00 13.85
C ALA A 221 4.76 29.82 14.08
N SER A 222 6.06 30.01 13.97
CA SER A 222 7.03 28.97 14.26
C SER A 222 7.43 28.91 15.73
N ARG A 223 6.95 29.85 16.53
CA ARG A 223 7.27 29.85 17.95
C ARG A 223 6.60 28.69 18.66
N SER A 224 7.30 28.13 19.65
CA SER A 224 6.77 27.02 20.44
C SER A 224 5.84 27.58 21.50
N ARG A 225 4.54 27.55 21.21
CA ARG A 225 3.55 28.10 22.12
C ARG A 225 3.49 27.30 23.42
N VAL A 226 3.37 25.98 23.30
CA VAL A 226 3.30 25.11 24.48
C VAL A 226 4.30 23.97 24.33
N ALA A 261 13.74 30.60 20.60
CA ALA A 261 13.80 29.15 20.65
C ALA A 261 14.69 28.61 19.53
N ALA A 262 15.09 27.35 19.65
CA ALA A 262 15.94 26.72 18.66
C ALA A 262 15.22 26.48 17.33
N ARG A 263 13.90 26.54 17.32
CA ARG A 263 13.15 26.33 16.08
C ARG A 263 12.83 27.64 15.37
N GLU A 264 12.40 28.67 16.11
CA GLU A 264 12.06 29.94 15.49
C GLU A 264 13.30 30.71 15.06
N ARG A 265 14.45 30.46 15.68
CA ARG A 265 15.67 31.14 15.26
C ARG A 265 16.15 30.63 13.90
N LYS A 266 16.16 29.31 13.72
CA LYS A 266 16.57 28.74 12.43
C LYS A 266 15.59 29.11 11.33
N VAL A 267 14.29 29.09 11.63
CA VAL A 267 13.28 29.42 10.62
C VAL A 267 13.43 30.86 10.16
N THR A 268 13.65 31.78 11.10
CA THR A 268 13.80 33.18 10.75
C THR A 268 15.07 33.41 9.92
N ARG A 269 16.14 32.67 10.23
CA ARG A 269 17.37 32.80 9.45
C ARG A 269 17.16 32.38 8.00
N THR A 270 16.43 31.28 7.78
CA THR A 270 16.16 30.84 6.42
C THR A 270 15.25 31.82 5.68
N ILE A 271 14.33 32.47 6.40
CA ILE A 271 13.46 33.47 5.77
C ILE A 271 14.28 34.65 5.27
N PHE A 272 15.22 35.14 6.08
CA PHE A 272 16.08 36.23 5.64
C PHE A 272 16.92 35.83 4.44
N ALA A 273 17.33 34.56 4.36
CA ALA A 273 18.08 34.10 3.19
C ALA A 273 17.24 34.18 1.94
N ILE A 274 15.96 33.80 2.03
CA ILE A 274 15.09 33.80 0.86
C ILE A 274 14.72 35.23 0.46
N LEU A 275 14.31 36.04 1.43
CA LEU A 275 13.79 37.37 1.10
C LEU A 275 14.90 38.32 0.68
N LEU A 276 16.01 38.34 1.43
CA LEU A 276 17.10 39.27 1.10
C LEU A 276 17.70 38.96 -0.26
N ALA A 277 17.83 37.67 -0.60
CA ALA A 277 18.34 37.31 -1.91
C ALA A 277 17.41 37.82 -3.01
N PHE A 278 16.10 37.63 -2.83
CA PHE A 278 15.14 38.05 -3.86
C PHE A 278 15.13 39.56 -4.02
N ILE A 279 15.20 40.31 -2.92
CA ILE A 279 15.16 41.77 -3.01
C ILE A 279 16.43 42.30 -3.67
N LEU A 280 17.59 41.82 -3.24
CA LEU A 280 18.86 42.31 -3.75
C LEU A 280 19.14 41.88 -5.19
N THR A 281 18.29 40.98 -5.72
CA THR A 281 18.52 40.39 -7.07
C THR A 281 17.36 40.66 -8.03
N TRP A 282 16.41 41.50 -7.67
CA TRP A 282 15.36 41.96 -8.57
C TRP A 282 15.02 43.43 -8.43
N THR A 283 15.24 44.03 -7.26
CA THR A 283 14.89 45.43 -7.06
C THR A 283 15.61 46.38 -8.00
N PRO A 284 16.93 46.28 -8.22
CA PRO A 284 17.59 47.30 -9.08
C PRO A 284 17.00 47.41 -10.47
N TYR A 285 16.62 46.30 -11.09
CA TYR A 285 16.06 46.36 -12.43
C TYR A 285 14.70 47.05 -12.41
N ASN A 286 13.82 46.66 -11.47
CA ASN A 286 12.50 47.24 -11.40
C ASN A 286 12.50 48.67 -10.91
N VAL A 287 13.64 49.17 -10.41
CA VAL A 287 13.76 50.58 -10.04
C VAL A 287 14.26 51.41 -11.22
N MET A 288 15.21 50.86 -11.99
CA MET A 288 15.67 51.56 -13.19
C MET A 288 14.57 51.66 -14.24
N VAL A 289 13.74 50.63 -14.36
CA VAL A 289 12.65 50.66 -15.32
C VAL A 289 11.65 51.74 -14.96
N LEU A 290 11.41 51.95 -13.67
CA LEU A 290 10.48 52.99 -13.24
C LEU A 290 10.97 54.38 -13.62
N VAL A 291 12.26 54.66 -13.41
CA VAL A 291 12.82 55.96 -13.76
C VAL A 291 13.15 56.06 -15.24
N ASN A 292 13.21 54.93 -15.95
CA ASN A 292 13.50 54.96 -17.38
C ASN A 292 12.44 55.75 -18.14
N THR A 293 11.17 55.56 -17.79
CA THR A 293 10.10 56.27 -18.47
C THR A 293 10.18 57.77 -18.21
N PHE A 294 10.49 58.16 -16.97
CA PHE A 294 10.50 59.58 -16.62
C PHE A 294 11.70 60.31 -17.23
N CYS A 295 12.88 59.70 -17.15
CA CYS A 295 14.12 60.36 -17.58
C CYS A 295 14.77 59.40 -18.57
N GLN A 296 14.52 59.65 -19.86
CA GLN A 296 14.72 58.62 -20.88
C GLN A 296 16.18 58.20 -21.02
N SER A 297 17.09 59.17 -21.07
CA SER A 297 18.47 58.87 -21.40
C SER A 297 19.38 59.12 -20.20
N CYS A 298 18.95 58.65 -19.03
CA CYS A 298 19.58 59.02 -17.78
C CYS A 298 20.16 57.85 -17.00
N ILE A 299 19.97 56.62 -17.48
CA ILE A 299 20.54 55.43 -16.86
C ILE A 299 21.62 54.90 -17.80
N PRO A 300 22.90 54.92 -17.40
CA PRO A 300 23.95 54.47 -18.30
C PRO A 300 23.88 52.98 -18.57
N ASP A 301 24.39 52.58 -19.72
CA ASP A 301 24.42 51.16 -20.09
C ASP A 301 25.38 50.35 -19.22
N THR A 302 26.25 51.01 -18.45
CA THR A 302 27.13 50.28 -17.56
C THR A 302 26.41 49.73 -16.33
N VAL A 303 25.27 50.32 -15.97
CA VAL A 303 24.46 49.82 -14.88
C VAL A 303 23.20 49.11 -15.35
N TRP A 304 22.79 49.31 -16.60
CA TRP A 304 21.69 48.53 -17.15
C TRP A 304 22.05 47.05 -17.18
N SER A 305 23.25 46.74 -17.65
CA SER A 305 23.71 45.35 -17.66
C SER A 305 23.85 44.81 -16.23
N ILE A 306 24.37 45.64 -15.32
CA ILE A 306 24.49 45.22 -13.92
C ILE A 306 23.10 44.97 -13.35
N GLY A 307 22.16 45.88 -13.63
CA GLY A 307 20.78 45.73 -13.10
C GLY A 307 20.03 44.62 -13.82
N TYR A 308 20.48 44.19 -15.00
CA TYR A 308 19.82 43.13 -15.81
C TYR A 308 20.37 41.78 -15.44
N TRP A 309 21.68 41.66 -15.40
CA TRP A 309 22.33 40.40 -14.88
C TRP A 309 21.93 39.93 -13.53
N LEU A 310 21.69 40.84 -12.59
CA LEU A 310 21.28 40.42 -11.24
C LEU A 310 19.95 39.68 -11.25
N CYS A 311 19.06 40.03 -12.19
CA CYS A 311 17.80 39.30 -12.31
C CYS A 311 18.01 37.84 -12.69
N TYR A 312 19.16 37.52 -13.29
CA TYR A 312 19.47 36.14 -13.65
C TYR A 312 20.28 35.41 -12.59
N VAL A 313 20.95 36.15 -11.69
CA VAL A 313 21.62 35.51 -10.56
C VAL A 313 20.60 34.85 -9.64
N ASN A 314 19.36 35.35 -9.65
CA ASN A 314 18.29 34.71 -8.88
C ASN A 314 18.05 33.29 -9.36
N SER A 315 18.05 33.09 -10.68
CA SER A 315 17.81 31.75 -11.21
C SER A 315 18.92 30.79 -10.83
N THR A 316 20.14 31.31 -10.62
CA THR A 316 21.25 30.45 -10.21
C THR A 316 21.11 30.03 -8.75
N ILE A 317 20.73 30.97 -7.87
CA ILE A 317 20.70 30.71 -6.43
C ILE A 317 19.35 30.20 -5.96
N ASN A 318 18.36 30.10 -6.83
CA ASN A 318 17.05 29.59 -6.41
C ASN A 318 17.10 28.17 -5.86
N PRO A 319 17.78 27.21 -6.48
CA PRO A 319 17.91 25.89 -5.84
C PRO A 319 18.58 25.94 -4.48
N ALA A 320 19.54 26.83 -4.29
CA ALA A 320 20.21 26.93 -3.00
C ALA A 320 19.29 27.49 -1.93
N CYS A 321 18.49 28.50 -2.29
CA CYS A 321 17.64 29.16 -1.30
C CYS A 321 16.43 28.32 -0.92
N TYR A 322 15.93 27.49 -1.83
CA TYR A 322 14.72 26.70 -1.60
C TYR A 322 15.02 25.22 -1.52
N ALA A 323 15.62 24.64 -2.55
CA ALA A 323 15.85 23.19 -2.57
C ALA A 323 16.95 22.78 -1.60
N LEU A 324 18.05 23.53 -1.58
CA LEU A 324 19.19 23.17 -0.74
C LEU A 324 19.02 23.72 0.68
N CYS A 325 17.86 23.43 1.28
CA CYS A 325 17.62 23.67 2.68
C CYS A 325 17.34 22.40 3.46
N ASN A 326 16.91 21.33 2.80
CA ASN A 326 16.69 20.04 3.43
C ASN A 326 17.96 19.20 3.37
N ALA A 327 18.13 18.32 4.36
CA ALA A 327 19.23 17.37 4.30
C ALA A 327 19.02 16.33 3.20
N THR A 328 17.76 16.01 2.90
CA THR A 328 17.47 15.03 1.87
C THR A 328 17.94 15.49 0.49
N PHE A 329 17.73 16.77 0.17
CA PHE A 329 18.18 17.29 -1.11
C PHE A 329 19.70 17.30 -1.20
N LYS A 330 20.38 17.63 -0.10
CA LYS A 330 21.83 17.61 -0.09
C LYS A 330 22.37 16.21 -0.32
N LYS A 331 21.72 15.21 0.29
CA LYS A 331 22.15 13.82 0.09
C LYS A 331 21.93 13.37 -1.35
N THR A 332 20.84 13.80 -1.96
CA THR A 332 20.53 13.38 -3.33
C THR A 332 21.58 13.86 -4.32
N PHE A 333 22.06 15.10 -4.15
CA PHE A 333 23.05 15.64 -5.07
C PHE A 333 24.39 14.92 -4.99
N ARG A 334 24.69 14.27 -3.88
CA ARG A 334 25.95 13.54 -3.71
C ARG A 334 25.96 12.28 -4.56
N THR B 1 -9.45 -6.16 -20.72
CA THR B 1 -10.78 -5.57 -20.57
C THR B 1 -11.47 -5.59 -21.92
N LEU B 2 -11.83 -6.79 -22.39
CA LEU B 2 -12.43 -6.97 -23.70
C LEU B 2 -13.82 -7.58 -23.63
N SER B 3 -13.99 -8.66 -22.86
CA SER B 3 -15.28 -9.33 -22.79
C SER B 3 -16.25 -8.57 -21.88
N ALA B 4 -17.52 -8.95 -21.96
CA ALA B 4 -18.54 -8.27 -21.16
C ALA B 4 -18.30 -8.48 -19.67
N GLU B 5 -17.94 -9.69 -19.27
CA GLU B 5 -17.69 -9.95 -17.85
C GLU B 5 -16.37 -9.35 -17.40
N ASP B 6 -15.40 -9.25 -18.30
CA ASP B 6 -14.13 -8.61 -17.94
C ASP B 6 -14.33 -7.13 -17.64
N LYS B 7 -15.16 -6.44 -18.42
CA LYS B 7 -15.43 -5.03 -18.17
C LYS B 7 -16.10 -4.82 -16.82
N ALA B 8 -17.04 -5.70 -16.47
CA ALA B 8 -17.73 -5.57 -15.20
C ALA B 8 -16.82 -5.86 -14.03
N ALA B 9 -15.76 -6.66 -14.24
CA ALA B 9 -14.79 -6.90 -13.19
C ALA B 9 -13.93 -5.68 -12.96
N VAL B 10 -13.60 -4.94 -14.02
CA VAL B 10 -12.83 -3.72 -13.87
C VAL B 10 -13.65 -2.65 -13.16
N GLU B 11 -14.95 -2.58 -13.45
CA GLU B 11 -15.81 -1.62 -12.78
C GLU B 11 -15.92 -1.93 -11.30
N ARG B 12 -15.94 -3.21 -10.93
CA ARG B 12 -15.93 -3.60 -9.53
C ARG B 12 -14.61 -3.20 -8.86
N SER B 13 -13.50 -3.39 -9.55
CA SER B 13 -12.21 -3.00 -9.00
C SER B 13 -12.11 -1.51 -8.79
N LYS B 14 -12.64 -0.71 -9.73
CA LYS B 14 -12.65 0.73 -9.57
C LYS B 14 -13.53 1.16 -8.41
N MET B 15 -14.66 0.48 -8.21
CA MET B 15 -15.51 0.78 -7.07
C MET B 15 -14.79 0.46 -5.76
N ILE B 16 -14.05 -0.64 -5.71
CA ILE B 16 -13.24 -0.95 -4.54
C ILE B 16 -12.11 0.06 -4.39
N GLU B 17 -11.50 0.47 -5.52
CA GLU B 17 -10.47 1.50 -5.47
C GLU B 17 -11.01 2.79 -4.87
N LYS B 18 -12.25 3.16 -5.20
CA LYS B 18 -12.84 4.37 -4.65
C LYS B 18 -12.98 4.26 -3.13
N ASN B 19 -13.61 3.17 -2.66
CA ASN B 19 -13.86 3.02 -1.23
C ASN B 19 -12.56 3.00 -0.42
N LEU B 20 -11.47 2.52 -1.01
CA LEU B 20 -10.18 2.61 -0.34
C LEU B 20 -9.74 4.05 -0.12
N LYS B 21 -10.16 4.95 -1.02
CA LYS B 21 -9.72 6.34 -0.92
C LYS B 21 -10.37 7.04 0.28
N GLU B 22 -11.69 6.90 0.45
CA GLU B 22 -12.34 7.55 1.58
C GLU B 22 -11.88 6.95 2.90
N ASP B 23 -11.69 5.63 2.94
CA ASP B 23 -11.24 5.00 4.18
C ASP B 23 -9.87 5.51 4.59
N GLY B 24 -8.95 5.64 3.63
CA GLY B 24 -7.66 6.23 3.94
C GLY B 24 -7.76 7.70 4.27
N ILE B 25 -8.62 8.44 3.56
CA ILE B 25 -8.82 9.85 3.83
C ILE B 25 -9.42 10.05 5.22
N SER B 26 -10.41 9.24 5.58
CA SER B 26 -11.04 9.37 6.88
C SER B 26 -10.07 9.01 8.00
N ALA B 27 -9.14 8.09 7.76
CA ALA B 27 -8.16 7.72 8.76
C ALA B 27 -7.02 8.72 8.88
N ALA B 28 -6.90 9.66 7.94
CA ALA B 28 -5.82 10.64 8.01
C ALA B 28 -6.04 11.63 9.14
N LYS B 29 -7.29 11.97 9.45
CA LYS B 29 -7.57 12.88 10.54
C LYS B 29 -7.27 12.30 11.91
N ASP B 30 -7.07 10.99 12.00
CA ASP B 30 -6.78 10.37 13.28
C ASP B 30 -5.36 10.69 13.72
N VAL B 31 -5.19 10.85 15.04
CA VAL B 31 -3.88 11.08 15.64
C VAL B 31 -3.55 9.85 16.49
N LYS B 32 -2.48 9.16 16.12
CA LYS B 32 -2.08 7.93 16.79
C LYS B 32 -0.98 8.22 17.80
N LEU B 33 -1.24 7.91 19.06
CA LEU B 33 -0.28 8.09 20.14
C LEU B 33 -0.01 6.74 20.80
N LEU B 34 1.22 6.55 21.25
CA LEU B 34 1.66 5.31 21.88
C LEU B 34 1.91 5.57 23.36
N LEU B 35 1.20 4.83 24.21
CA LEU B 35 1.32 4.97 25.65
C LEU B 35 2.33 3.96 26.19
N LEU B 36 3.27 4.45 26.99
CA LEU B 36 4.32 3.60 27.54
C LEU B 36 4.59 4.02 28.98
N GLY B 37 5.20 3.10 29.73
CA GLY B 37 5.51 3.35 31.12
C GLY B 37 5.49 2.07 31.91
N ALA B 38 5.92 2.18 33.17
CA ALA B 38 5.92 1.04 34.06
C ALA B 38 4.48 0.66 34.44
N ASP B 39 4.34 -0.55 34.96
CA ASP B 39 3.02 -1.03 35.36
C ASP B 39 2.47 -0.22 36.52
N ASN B 40 1.16 0.07 36.46
CA ASN B 40 0.47 0.84 37.48
C ASN B 40 1.12 2.20 37.68
N SER B 41 1.16 2.98 36.59
CA SER B 41 1.78 4.29 36.58
C SER B 41 0.81 5.35 36.05
N GLY B 42 -0.47 5.15 36.23
CA GLY B 42 -1.45 6.08 35.71
C GLY B 42 -1.56 6.10 34.21
N LYS B 43 -1.04 5.07 33.54
CA LYS B 43 -1.09 5.03 32.08
C LYS B 43 -2.51 4.98 31.57
N SER B 44 -3.37 4.21 32.23
CA SER B 44 -4.76 4.04 31.80
C SER B 44 -5.67 5.17 32.26
N THR B 45 -5.16 6.15 33.00
CA THR B 45 -5.97 7.24 33.53
C THR B 45 -5.33 8.59 33.27
N ILE B 46 -4.63 8.75 32.16
CA ILE B 46 -4.05 10.05 31.83
C ILE B 46 -5.14 11.05 31.48
N VAL B 47 -6.21 10.59 30.84
CA VAL B 47 -7.34 11.44 30.47
C VAL B 47 -8.59 10.85 31.10
N LYS B 48 -9.40 11.70 31.73
CA LYS B 48 -10.60 11.20 32.39
C LYS B 48 -11.65 10.72 31.39
N GLN B 49 -11.72 11.34 30.22
CA GLN B 49 -12.77 11.05 29.25
C GLN B 49 -12.39 9.97 28.24
N MET B 50 -11.23 9.32 28.41
CA MET B 50 -10.83 8.27 27.49
C MET B 50 -11.72 7.05 27.65
N LYS B 51 -12.19 6.50 26.53
CA LYS B 51 -13.10 5.37 26.53
C LYS B 51 -12.61 4.30 25.57
N ILE B 52 -12.58 3.06 26.04
CA ILE B 52 -12.05 1.96 25.24
C ILE B 52 -12.97 1.67 24.07
N ILE B 53 -12.37 1.33 22.93
CA ILE B 53 -13.12 1.00 21.72
C ILE B 53 -14.00 -0.22 21.95
N THR B 64 -6.37 -9.79 24.76
CA THR B 64 -5.72 -8.85 25.67
C THR B 64 -4.34 -8.45 25.15
N GLY B 65 -4.21 -8.39 23.83
CA GLY B 65 -2.95 -8.03 23.21
C GLY B 65 -2.67 -6.54 23.24
N ILE B 66 -3.53 -5.77 22.59
CA ILE B 66 -3.37 -4.33 22.50
C ILE B 66 -4.69 -3.67 22.92
N VAL B 67 -4.58 -2.57 23.67
CA VAL B 67 -5.73 -1.82 24.15
C VAL B 67 -5.76 -0.49 23.41
N GLU B 68 -6.82 -0.28 22.63
CA GLU B 68 -7.00 0.96 21.88
C GLU B 68 -8.07 1.80 22.55
N THR B 69 -7.72 3.06 22.83
CA THR B 69 -8.64 4.01 23.44
C THR B 69 -8.72 5.25 22.56
N HIS B 70 -9.93 5.71 22.30
CA HIS B 70 -10.18 6.83 21.41
C HIS B 70 -10.96 7.92 22.13
N PHE B 71 -10.62 9.17 21.84
CA PHE B 71 -11.37 10.32 22.32
C PHE B 71 -11.10 11.49 21.40
N THR B 72 -12.14 12.23 21.05
CA THR B 72 -12.02 13.44 20.25
C THR B 72 -12.07 14.65 21.18
N PHE B 73 -10.98 15.41 21.21
CA PHE B 73 -10.90 16.55 22.12
C PHE B 73 -11.52 17.81 21.52
N LYS B 74 -10.93 18.31 20.44
CA LYS B 74 -11.41 19.52 19.76
C LYS B 74 -11.31 19.27 18.25
N ASN B 75 -12.38 18.69 17.68
CA ASN B 75 -12.41 18.34 16.26
C ASN B 75 -11.18 17.57 15.83
N LEU B 76 -10.60 16.79 16.75
CA LEU B 76 -9.39 16.03 16.50
C LEU B 76 -9.52 14.68 17.19
N HIS B 77 -9.62 13.61 16.39
CA HIS B 77 -9.76 12.27 16.92
C HIS B 77 -8.40 11.74 17.34
N PHE B 78 -8.28 11.34 18.61
CA PHE B 78 -7.04 10.80 19.16
C PHE B 78 -7.20 9.31 19.37
N ARG B 79 -6.24 8.54 18.87
CA ARG B 79 -6.19 7.11 19.07
C ARG B 79 -5.00 6.78 19.95
N LEU B 80 -5.26 6.18 21.11
CA LEU B 80 -4.24 5.85 22.10
C LEU B 80 -4.13 4.33 22.19
N PHE B 81 -2.91 3.82 22.09
CA PHE B 81 -2.67 2.39 22.13
C PHE B 81 -1.77 2.06 23.31
N ASP B 82 -2.23 1.18 24.18
CA ASP B 82 -1.48 0.74 25.35
C ASP B 82 -0.95 -0.66 25.09
N VAL B 83 0.34 -0.83 25.24
CA VAL B 83 0.99 -2.13 25.03
C VAL B 83 1.64 -2.53 26.36
N GLY B 84 0.89 -3.26 27.17
CA GLY B 84 1.39 -3.81 28.42
C GLY B 84 1.06 -5.27 28.56
N GLY B 85 0.05 -5.73 27.83
CA GLY B 85 -0.29 -7.13 27.80
C GLY B 85 0.59 -7.98 26.91
N GLN B 86 1.42 -7.35 26.08
CA GLN B 86 2.35 -8.07 25.21
C GLN B 86 3.62 -8.33 26.00
N ARG B 87 3.54 -9.30 26.90
CA ARG B 87 4.69 -9.71 27.73
C ARG B 87 5.61 -10.59 26.90
N SER B 88 6.24 -9.95 25.90
CA SER B 88 7.09 -10.65 24.95
C SER B 88 8.24 -9.72 24.56
N GLU B 89 8.96 -10.09 23.51
CA GLU B 89 10.07 -9.28 23.02
C GLU B 89 9.50 -8.09 22.25
N ARG B 90 9.68 -6.89 22.79
CA ARG B 90 9.14 -5.69 22.17
C ARG B 90 9.77 -5.41 20.82
N LYS B 91 11.01 -5.85 20.60
CA LYS B 91 11.72 -5.53 19.37
C LYS B 91 11.10 -6.19 18.15
N LYS B 92 10.23 -7.18 18.33
CA LYS B 92 9.64 -7.89 17.20
C LYS B 92 8.33 -7.28 16.73
N TRP B 93 7.76 -6.34 17.47
CA TRP B 93 6.51 -5.71 17.05
C TRP B 93 6.46 -4.21 17.33
N ILE B 94 7.57 -3.60 17.75
CA ILE B 94 7.56 -2.16 18.04
C ILE B 94 7.60 -1.33 16.77
N HIS B 95 8.01 -1.91 15.63
CA HIS B 95 8.04 -1.16 14.39
C HIS B 95 6.65 -0.88 13.84
N CYS B 96 5.62 -1.55 14.35
CA CYS B 96 4.25 -1.26 13.94
C CYS B 96 3.81 0.14 14.34
N PHE B 97 4.48 0.74 15.34
CA PHE B 97 4.14 2.07 15.82
C PHE B 97 5.14 3.13 15.37
N GLU B 98 5.88 2.86 14.29
CA GLU B 98 6.83 3.83 13.77
C GLU B 98 6.14 5.06 13.18
N ASP B 99 4.85 4.97 12.90
CA ASP B 99 4.10 6.05 12.26
C ASP B 99 3.29 6.88 13.24
N VAL B 100 3.47 6.67 14.54
CA VAL B 100 2.69 7.42 15.52
C VAL B 100 3.15 8.87 15.56
N THR B 101 2.24 9.76 15.97
CA THR B 101 2.57 11.17 16.07
C THR B 101 3.52 11.44 17.22
N ALA B 102 3.28 10.83 18.37
CA ALA B 102 4.09 11.06 19.55
C ALA B 102 3.94 9.87 20.50
N ILE B 103 4.79 9.85 21.52
CA ILE B 103 4.79 8.81 22.55
C ILE B 103 4.50 9.47 23.89
N ILE B 104 3.55 8.91 24.62
CA ILE B 104 3.20 9.39 25.95
C ILE B 104 3.82 8.46 26.98
N PHE B 105 4.75 8.98 27.78
CA PHE B 105 5.44 8.22 28.80
C PHE B 105 5.01 8.70 30.17
N CYS B 106 4.66 7.75 31.04
CA CYS B 106 4.19 8.04 32.38
C CYS B 106 5.18 7.50 33.40
N VAL B 107 5.56 8.34 34.36
CA VAL B 107 6.54 7.99 35.39
C VAL B 107 5.94 8.30 36.75
N ASP B 108 6.02 7.34 37.67
CA ASP B 108 5.57 7.53 39.04
C ASP B 108 6.69 8.18 39.83
N LEU B 109 6.48 9.45 40.22
CA LEU B 109 7.44 10.11 41.09
C LEU B 109 7.43 9.54 42.51
N SER B 110 6.38 8.81 42.87
CA SER B 110 6.31 8.20 44.19
C SER B 110 7.03 6.86 44.25
N ASP B 111 6.97 6.09 43.17
CA ASP B 111 7.56 4.75 43.13
C ASP B 111 9.07 4.91 42.97
N TYR B 112 9.78 4.94 44.10
CA TYR B 112 11.24 5.05 44.06
C TYR B 112 11.86 3.78 43.49
N ASN B 113 11.34 2.61 43.85
CA ASN B 113 11.92 1.36 43.38
C ASN B 113 11.74 1.20 41.87
N ARG B 114 10.58 1.59 41.35
CA ARG B 114 10.28 1.44 39.94
C ARG B 114 10.80 2.59 39.09
N MET B 115 11.38 3.63 39.71
CA MET B 115 11.84 4.78 38.95
C MET B 115 13.11 4.47 38.17
N HIS B 116 13.99 3.64 38.71
CA HIS B 116 15.17 3.21 37.96
C HIS B 116 14.79 2.33 36.77
N GLU B 117 13.76 1.50 36.94
CA GLU B 117 13.22 0.78 35.80
C GLU B 117 12.66 1.72 34.75
N SER B 118 12.03 2.81 35.19
CA SER B 118 11.51 3.80 34.26
C SER B 118 12.64 4.47 33.48
N LEU B 119 13.76 4.75 34.15
CA LEU B 119 14.91 5.34 33.46
C LEU B 119 15.45 4.42 32.38
N MET B 120 15.56 3.13 32.70
CA MET B 120 16.02 2.16 31.70
C MET B 120 15.05 2.04 30.53
N LEU B 121 13.75 2.00 30.83
CA LEU B 121 12.74 1.94 29.78
C LEU B 121 12.77 3.20 28.92
N PHE B 122 12.92 4.36 29.56
CA PHE B 122 12.90 5.62 28.82
C PHE B 122 14.10 5.75 27.91
N ASP B 123 15.26 5.25 28.34
CA ASP B 123 16.46 5.32 27.51
C ASP B 123 16.30 4.50 26.23
N SER B 124 15.69 3.32 26.33
CA SER B 124 15.55 2.45 25.17
C SER B 124 14.61 3.06 24.13
N ILE B 125 13.50 3.64 24.56
CA ILE B 125 12.51 4.14 23.61
C ILE B 125 13.03 5.38 22.90
N CYS B 126 13.77 6.23 23.61
CA CYS B 126 14.33 7.43 22.97
C CYS B 126 15.37 7.06 21.91
N ASN B 127 16.21 6.08 22.20
CA ASN B 127 17.33 5.73 21.35
C ASN B 127 17.04 4.53 20.46
N ASN B 128 15.78 4.10 20.37
CA ASN B 128 15.43 3.03 19.44
C ASN B 128 15.49 3.56 18.01
N LYS B 129 15.89 2.69 17.09
CA LYS B 129 16.15 3.14 15.71
C LYS B 129 14.88 3.60 15.01
N PHE B 130 13.71 3.07 15.40
CA PHE B 130 12.47 3.53 14.82
C PHE B 130 12.05 4.88 15.38
N PHE B 131 12.22 5.08 16.68
CA PHE B 131 11.82 6.31 17.34
C PHE B 131 13.03 7.24 17.53
N ILE B 132 13.55 7.72 16.40
CA ILE B 132 14.66 8.66 16.43
C ILE B 132 14.14 10.09 16.23
N ASP B 133 13.03 10.22 15.49
CA ASP B 133 12.40 11.51 15.26
C ASP B 133 10.98 11.56 15.83
N THR B 134 10.59 10.59 16.64
CA THR B 134 9.26 10.55 17.23
C THR B 134 9.30 11.29 18.57
N SER B 135 8.52 12.36 18.66
CA SER B 135 8.48 13.15 19.88
C SER B 135 7.89 12.35 21.02
N ILE B 136 8.23 12.75 22.25
CA ILE B 136 7.80 12.04 23.45
C ILE B 136 7.21 13.07 24.41
N ILE B 137 5.94 12.88 24.77
CA ILE B 137 5.31 13.67 25.82
C ILE B 137 5.51 12.93 27.13
N LEU B 138 6.10 13.61 28.10
CA LEU B 138 6.49 13.01 29.37
C LEU B 138 5.55 13.51 30.47
N PHE B 139 4.90 12.57 31.16
CA PHE B 139 4.00 12.86 32.25
C PHE B 139 4.61 12.35 33.55
N LEU B 140 4.79 13.24 34.51
CA LEU B 140 5.31 12.89 35.84
C LEU B 140 4.12 12.78 36.79
N ASN B 141 3.64 11.55 36.99
CA ASN B 141 2.47 11.32 37.81
C ASN B 141 2.84 11.31 39.29
N LYS B 142 1.81 11.25 40.13
CA LYS B 142 1.96 11.16 41.59
C LYS B 142 2.76 12.34 42.15
N LYS B 143 2.53 13.53 41.58
CA LYS B 143 3.18 14.72 42.11
C LYS B 143 2.64 15.11 43.49
N ASP B 144 1.35 14.88 43.74
CA ASP B 144 0.79 15.18 45.05
C ASP B 144 1.38 14.26 46.12
N LEU B 145 1.43 12.95 45.83
CA LEU B 145 2.02 12.01 46.76
C LEU B 145 3.52 12.18 46.89
N PHE B 146 4.17 12.74 45.87
CA PHE B 146 5.62 12.96 45.93
C PHE B 146 5.99 13.94 47.04
N GLY B 147 5.22 15.02 47.17
CA GLY B 147 5.48 15.97 48.24
C GLY B 147 5.30 15.36 49.62
N GLU B 148 4.27 14.53 49.78
CA GLU B 148 4.08 13.83 51.06
C GLU B 148 5.14 12.77 51.28
N LYS B 149 5.62 12.13 50.20
CA LYS B 149 6.59 11.05 50.34
C LYS B 149 7.95 11.56 50.75
N ILE B 150 8.40 12.68 50.16
CA ILE B 150 9.74 13.19 50.45
C ILE B 150 9.86 13.67 51.89
N LYS B 151 8.75 13.91 52.58
CA LYS B 151 8.81 14.31 53.98
C LYS B 151 9.40 13.21 54.85
N LYS B 152 9.07 11.95 54.56
CA LYS B 152 9.59 10.81 55.31
C LYS B 152 10.83 10.20 54.67
N SER B 153 10.74 9.81 53.39
CA SER B 153 11.87 9.24 52.68
C SER B 153 12.40 10.26 51.69
N PRO B 154 13.64 10.71 51.84
CA PRO B 154 14.17 11.75 50.94
C PRO B 154 14.66 11.16 49.62
N LEU B 155 14.93 12.05 48.67
CA LEU B 155 15.38 11.66 47.33
C LEU B 155 16.89 11.42 47.33
N THR B 156 17.29 10.40 48.09
CA THR B 156 18.68 9.99 48.13
C THR B 156 18.81 8.50 47.87
N ILE B 157 17.77 7.73 48.23
CA ILE B 157 17.79 6.29 48.00
C ILE B 157 17.78 5.99 46.51
N CYS B 158 16.94 6.70 45.75
CA CYS B 158 16.88 6.47 44.31
C CYS B 158 18.12 7.00 43.62
N PHE B 159 18.56 8.21 43.97
CA PHE B 159 19.72 8.84 43.37
C PHE B 159 20.70 9.23 44.47
N PRO B 160 21.68 8.36 44.76
CA PRO B 160 22.69 8.72 45.77
C PRO B 160 23.54 9.91 45.37
N GLU B 161 23.62 10.24 44.08
CA GLU B 161 24.43 11.34 43.58
C GLU B 161 23.68 12.66 43.57
N TYR B 162 22.63 12.79 44.37
CA TYR B 162 21.84 14.02 44.43
C TYR B 162 22.37 14.90 45.54
N THR B 163 22.96 16.03 45.17
CA THR B 163 23.46 17.02 46.13
C THR B 163 22.65 18.30 45.91
N GLY B 164 21.51 18.38 46.58
CA GLY B 164 20.63 19.52 46.42
C GLY B 164 19.61 19.62 47.55
N PRO B 165 18.76 20.65 47.49
CA PRO B 165 17.75 20.84 48.53
C PRO B 165 16.75 19.70 48.55
N ASN B 166 16.23 19.42 49.75
CA ASN B 166 15.23 18.38 49.96
C ASN B 166 13.81 18.89 49.81
N THR B 167 13.62 19.99 49.08
CA THR B 167 12.29 20.53 48.86
C THR B 167 11.57 19.74 47.78
N TYR B 168 10.40 20.21 47.37
CA TYR B 168 9.61 19.53 46.35
C TYR B 168 9.95 19.99 44.93
N GLU B 169 10.01 21.31 44.73
CA GLU B 169 10.29 21.84 43.39
C GLU B 169 11.69 21.46 42.92
N ASP B 170 12.68 21.56 43.81
CA ASP B 170 14.05 21.21 43.44
C ASP B 170 14.18 19.72 43.16
N ALA B 171 13.55 18.88 43.97
CA ALA B 171 13.62 17.44 43.75
C ALA B 171 12.93 17.05 42.45
N ALA B 172 11.80 17.69 42.13
CA ALA B 172 11.08 17.37 40.91
C ALA B 172 11.92 17.68 39.67
N ALA B 173 12.65 18.79 39.70
CA ALA B 173 13.47 19.17 38.55
C ALA B 173 14.60 18.18 38.31
N TYR B 174 15.18 17.63 39.40
CA TYR B 174 16.27 16.68 39.25
C TYR B 174 15.83 15.42 38.52
N ILE B 175 14.64 14.90 38.88
CA ILE B 175 14.12 13.72 38.20
C ILE B 175 13.82 14.03 36.74
N GLN B 176 13.22 15.20 36.48
CA GLN B 176 12.90 15.58 35.11
C GLN B 176 14.17 15.76 34.27
N ALA B 177 15.20 16.35 34.85
CA ALA B 177 16.46 16.54 34.12
C ALA B 177 17.08 15.20 33.75
N GLN B 178 17.03 14.23 34.65
CA GLN B 178 17.61 12.91 34.37
C GLN B 178 16.92 12.25 33.19
N PHE B 179 15.59 12.33 33.13
CA PHE B 179 14.85 11.73 32.04
C PHE B 179 15.15 12.42 30.71
N GLU B 180 15.28 13.74 30.74
CA GLU B 180 15.63 14.49 29.53
C GLU B 180 17.09 14.34 29.12
N SER B 181 17.92 13.75 29.98
CA SER B 181 19.32 13.54 29.62
C SER B 181 19.47 12.39 28.64
N LYS B 182 18.55 11.43 28.66
CA LYS B 182 18.61 10.29 27.74
C LYS B 182 18.35 10.69 26.29
N ASN B 183 17.83 11.89 26.05
CA ASN B 183 17.60 12.36 24.69
C ASN B 183 18.88 12.94 24.12
N ARG B 184 19.25 12.47 22.93
CA ARG B 184 20.47 12.91 22.26
C ARG B 184 20.23 13.52 20.89
N SER B 185 19.27 12.99 20.13
CA SER B 185 18.96 13.57 18.84
C SER B 185 18.35 14.97 19.02
N PRO B 186 18.76 15.94 18.21
CA PRO B 186 18.24 17.31 18.35
C PRO B 186 16.95 17.60 17.61
N ASN B 187 16.25 16.57 17.12
CA ASN B 187 15.00 16.75 16.39
C ASN B 187 13.91 15.85 16.98
N LYS B 188 13.79 15.86 18.30
CA LYS B 188 12.77 15.06 18.97
C LYS B 188 11.85 15.90 19.86
N GLU B 189 12.38 16.90 20.55
CA GLU B 189 11.59 17.88 21.30
C GLU B 189 10.72 17.20 22.37
N ILE B 190 11.41 16.62 23.36
CA ILE B 190 10.73 16.08 24.52
C ILE B 190 9.94 17.17 25.23
N TYR B 191 8.71 16.85 25.62
CA TYR B 191 7.85 17.75 26.38
C TYR B 191 7.57 17.16 27.75
N CYS B 192 7.64 18.00 28.78
CA CYS B 192 7.48 17.57 30.16
C CYS B 192 6.24 18.21 30.77
N HIS B 193 5.55 17.45 31.62
CA HIS B 193 4.37 17.93 32.31
C HIS B 193 4.17 17.13 33.58
N MET B 194 3.64 17.78 34.61
CA MET B 194 3.43 17.17 35.92
C MET B 194 1.94 17.17 36.23
N THR B 195 1.39 15.98 36.46
CA THR B 195 -0.02 15.84 36.82
C THR B 195 -0.22 14.49 37.49
N CYS B 196 -0.79 14.50 38.69
CA CYS B 196 -0.91 13.25 39.45
C CYS B 196 -2.26 12.57 39.30
N ALA B 197 -3.32 13.17 39.85
CA ALA B 197 -4.63 12.53 39.82
C ALA B 197 -5.80 13.48 39.56
N THR B 198 -5.68 14.78 39.81
CA THR B 198 -6.83 15.66 39.86
C THR B 198 -6.91 16.67 38.73
N ASP B 199 -5.84 16.81 37.94
CA ASP B 199 -5.85 17.77 36.84
C ASP B 199 -6.76 17.23 35.74
N THR B 200 -8.00 17.71 35.70
CA THR B 200 -8.94 17.28 34.67
C THR B 200 -8.46 17.70 33.28
N ASN B 201 -7.92 18.92 33.16
CA ASN B 201 -7.39 19.41 31.90
C ASN B 201 -6.01 18.77 31.67
N ASN B 202 -5.98 17.51 31.20
CA ASN B 202 -4.71 16.79 30.89
C ASN B 202 -4.77 16.32 29.46
N ALA B 203 -5.91 16.48 28.80
CA ALA B 203 -5.91 16.24 27.36
C ALA B 203 -5.55 17.49 26.56
N GLN B 204 -5.66 18.67 27.19
CA GLN B 204 -5.23 19.90 26.52
C GLN B 204 -3.72 19.90 26.29
N VAL B 205 -2.95 19.40 27.26
CA VAL B 205 -1.50 19.41 27.13
C VAL B 205 -1.05 18.46 26.02
N ILE B 206 -1.72 17.31 25.89
CA ILE B 206 -1.45 16.42 24.78
C ILE B 206 -1.85 17.08 23.47
N PHE B 207 -3.00 17.74 23.44
CA PHE B 207 -3.45 18.44 22.23
C PHE B 207 -2.47 19.54 21.82
N ASP B 208 -2.02 20.34 22.81
CA ASP B 208 -1.07 21.39 22.50
C ASP B 208 0.26 20.83 22.03
N ALA B 209 0.72 19.73 22.65
CA ALA B 209 1.97 19.12 22.23
C ALA B 209 1.88 18.57 20.82
N VAL B 210 0.78 17.90 20.50
CA VAL B 210 0.60 17.34 19.17
C VAL B 210 0.54 18.45 18.13
N THR B 211 -0.20 19.52 18.41
CA THR B 211 -0.24 20.67 17.51
C THR B 211 1.14 21.25 17.30
N ASP B 212 1.94 21.33 18.37
CA ASP B 212 3.32 21.78 18.23
C ASP B 212 4.14 20.83 17.37
N ILE B 213 3.93 19.53 17.52
CA ILE B 213 4.69 18.54 16.77
C ILE B 213 4.40 18.66 15.28
N ILE B 214 3.12 18.83 14.91
CA ILE B 214 2.75 18.88 13.50
C ILE B 214 3.34 20.11 12.83
N ILE B 215 3.42 21.23 13.55
CA ILE B 215 4.01 22.44 12.98
C ILE B 215 5.49 22.21 12.65
N ALA B 216 6.21 21.55 13.56
CA ALA B 216 7.61 21.25 13.30
C ALA B 216 7.77 20.30 12.12
N ASN B 217 6.89 19.29 12.03
CA ASN B 217 6.93 18.38 10.88
C ASN B 217 6.61 19.11 9.59
N ASN B 218 5.62 20.00 9.62
CA ASN B 218 5.28 20.77 8.42
C ASN B 218 6.42 21.69 8.02
N LEU B 219 7.08 22.33 9.00
CA LEU B 219 8.19 23.21 8.68
C LEU B 219 9.33 22.44 8.04
N ARG B 220 9.63 21.25 8.55
CA ARG B 220 10.66 20.41 7.94
C ARG B 220 10.25 19.98 6.54
N GLY B 221 8.97 19.63 6.35
CA GLY B 221 8.50 19.29 5.03
C GLY B 221 8.56 20.46 4.07
N CYS B 222 8.26 21.67 4.56
CA CYS B 222 8.35 22.87 3.75
C CYS B 222 9.79 23.29 3.49
N GLY B 223 10.76 22.68 4.16
CA GLY B 223 12.15 23.01 3.99
C GLY B 223 12.66 24.15 4.84
N LEU B 224 11.82 24.74 5.69
CA LEU B 224 12.23 25.86 6.53
C LEU B 224 12.94 25.42 7.80
N TYR B 225 12.89 24.14 8.15
CA TYR B 225 13.52 23.66 9.38
C TYR B 225 14.20 22.32 9.16
N GLU C 2 18.78 -34.34 41.72
CA GLU C 2 18.92 -32.93 42.02
C GLU C 2 18.96 -32.10 40.74
N LEU C 3 18.96 -30.77 40.90
CA LEU C 3 19.06 -29.89 39.73
C LEU C 3 20.42 -30.05 39.05
N ASP C 4 21.50 -30.16 39.83
CA ASP C 4 22.82 -30.37 39.24
C ASP C 4 22.92 -31.73 38.59
N GLN C 5 22.31 -32.76 39.19
CA GLN C 5 22.38 -34.10 38.62
C GLN C 5 21.70 -34.15 37.25
N LEU C 6 20.55 -33.51 37.12
CA LEU C 6 19.88 -33.47 35.82
C LEU C 6 20.61 -32.57 34.85
N ARG C 7 21.35 -31.57 35.35
CA ARG C 7 22.10 -30.68 34.47
C ARG C 7 23.21 -31.44 33.74
N GLN C 8 23.90 -32.35 34.43
CA GLN C 8 24.97 -33.11 33.80
C GLN C 8 24.43 -34.02 32.69
N GLU C 9 23.26 -34.62 32.92
CA GLU C 9 22.68 -35.50 31.91
C GLU C 9 22.35 -34.74 30.63
N ALA C 10 21.82 -33.53 30.77
CA ALA C 10 21.52 -32.72 29.59
C ALA C 10 22.78 -32.38 28.82
N GLU C 11 23.87 -32.04 29.52
CA GLU C 11 25.12 -31.74 28.85
C GLU C 11 25.66 -32.95 28.11
N GLN C 12 25.57 -34.13 28.71
CA GLN C 12 26.04 -35.35 28.04
C GLN C 12 25.24 -35.64 26.79
N LEU C 13 23.91 -35.45 26.85
CA LEU C 13 23.09 -35.66 25.66
C LEU C 13 23.44 -34.65 24.57
N LYS C 14 23.70 -33.40 24.95
CA LYS C 14 24.08 -32.39 23.97
C LYS C 14 25.42 -32.72 23.33
N ASN C 15 26.39 -33.18 24.15
CA ASN C 15 27.69 -33.57 23.61
C ASN C 15 27.57 -34.78 22.70
N GLN C 16 26.72 -35.74 23.07
CA GLN C 16 26.52 -36.92 22.24
C GLN C 16 25.93 -36.55 20.89
N ILE C 17 24.97 -35.62 20.88
CA ILE C 17 24.36 -35.20 19.62
C ILE C 17 25.40 -34.57 18.71
N ARG C 18 26.25 -33.70 19.26
CA ARG C 18 27.29 -33.06 18.45
C ARG C 18 28.30 -34.09 17.95
N ASP C 19 28.58 -35.13 18.74
CA ASP C 19 29.48 -36.17 18.28
C ASP C 19 28.92 -36.91 17.07
N ALA C 20 27.62 -37.21 17.09
CA ALA C 20 26.99 -37.82 15.93
C ALA C 20 26.89 -36.86 14.77
N ARG C 21 26.72 -35.57 15.05
CA ARG C 21 26.68 -34.57 13.98
C ARG C 21 28.01 -34.49 13.24
N LYS C 22 29.12 -34.50 13.98
CA LYS C 22 30.43 -34.44 13.35
C LYS C 22 30.80 -35.76 12.68
N ALA C 23 30.18 -36.87 13.06
CA ALA C 23 30.51 -38.15 12.46
C ALA C 23 29.94 -38.30 11.07
N CYS C 24 28.83 -37.61 10.77
CA CYS C 24 28.17 -37.72 9.48
C CYS C 24 28.58 -36.62 8.51
N ALA C 25 29.50 -35.75 8.89
CA ALA C 25 29.95 -34.67 8.02
C ALA C 25 31.23 -35.08 7.30
N ASP C 26 31.06 -36.00 6.35
CA ASP C 26 32.20 -36.48 5.57
C ASP C 26 32.74 -35.38 4.66
N ALA C 27 31.86 -34.59 4.05
CA ALA C 27 32.28 -33.50 3.19
C ALA C 27 31.18 -32.46 3.14
N THR C 28 31.57 -31.19 3.07
CA THR C 28 30.60 -30.12 2.98
C THR C 28 29.92 -30.13 1.62
N LEU C 29 28.73 -29.49 1.56
CA LEU C 29 27.96 -29.49 0.32
C LEU C 29 28.68 -28.72 -0.78
N SER C 30 29.48 -27.72 -0.43
CA SER C 30 30.24 -27.00 -1.43
C SER C 30 31.29 -27.89 -2.09
N GLN C 31 31.83 -28.87 -1.35
CA GLN C 31 32.81 -29.78 -1.93
C GLN C 31 32.21 -30.63 -3.04
N ILE C 32 31.00 -31.14 -2.83
CA ILE C 32 30.37 -32.00 -3.83
C ILE C 32 29.74 -31.18 -4.96
N THR C 33 29.39 -29.91 -4.71
CA THR C 33 28.75 -29.06 -5.70
C THR C 33 29.74 -28.06 -6.30
N ASN C 34 30.99 -28.50 -6.51
CA ASN C 34 32.03 -27.64 -7.06
C ASN C 34 32.33 -27.98 -8.51
N ASN C 35 31.47 -28.77 -9.16
CA ASN C 35 31.75 -29.21 -10.52
C ASN C 35 30.53 -29.16 -11.43
N ILE C 36 29.55 -28.32 -11.13
CA ILE C 36 28.39 -28.14 -12.00
C ILE C 36 28.23 -26.66 -12.30
N ASP C 37 27.69 -26.37 -13.49
CA ASP C 37 27.67 -25.01 -13.99
C ASP C 37 26.78 -24.12 -13.12
N PRO C 38 27.20 -22.90 -12.85
CA PRO C 38 26.35 -21.97 -12.09
C PRO C 38 25.16 -21.50 -12.92
N VAL C 39 24.18 -20.93 -12.22
CA VAL C 39 22.98 -20.43 -12.88
C VAL C 39 23.28 -19.21 -13.74
N GLY C 40 24.39 -18.52 -13.49
CA GLY C 40 24.73 -17.34 -14.26
C GLY C 40 24.36 -16.05 -13.56
N ARG C 41 23.44 -15.29 -14.17
CA ARG C 41 22.99 -14.01 -13.61
C ARG C 41 21.51 -13.89 -13.89
N ILE C 42 20.69 -14.08 -12.86
CA ILE C 42 19.24 -13.99 -12.98
C ILE C 42 18.85 -12.51 -12.99
N GLN C 43 18.15 -12.08 -14.03
CA GLN C 43 17.73 -10.69 -14.20
C GLN C 43 16.21 -10.67 -14.36
N MET C 44 15.51 -10.62 -13.23
CA MET C 44 14.05 -10.50 -13.24
C MET C 44 13.65 -9.03 -13.21
N ARG C 45 12.45 -8.76 -13.70
CA ARG C 45 11.95 -7.40 -13.84
C ARG C 45 10.53 -7.32 -13.32
N THR C 46 10.14 -6.11 -12.90
CA THR C 46 8.79 -5.86 -12.39
C THR C 46 7.80 -5.93 -13.54
N ARG C 47 6.93 -6.93 -13.50
CA ARG C 47 5.91 -7.08 -14.53
C ARG C 47 4.56 -6.48 -14.12
N ARG C 48 4.27 -6.42 -12.83
CA ARG C 48 3.06 -5.80 -12.33
C ARG C 48 3.38 -5.01 -11.07
N THR C 49 2.57 -3.99 -10.81
CA THR C 49 2.68 -3.19 -9.59
C THR C 49 1.28 -3.00 -9.03
N LEU C 50 0.99 -3.65 -7.91
CA LEU C 50 -0.33 -3.62 -7.31
C LEU C 50 -0.42 -2.44 -6.34
N ARG C 51 -1.31 -1.50 -6.63
CA ARG C 51 -1.49 -0.30 -5.84
C ARG C 51 -2.86 -0.31 -5.18
N GLY C 52 -2.93 0.27 -3.99
CA GLY C 52 -4.19 0.32 -3.25
C GLY C 52 -4.03 0.22 -1.76
N HIS C 53 -2.86 -0.20 -1.29
CA HIS C 53 -2.54 -0.20 0.14
C HIS C 53 -1.95 1.14 0.55
N LEU C 54 -2.31 1.60 1.74
CA LEU C 54 -1.90 2.91 2.22
C LEU C 54 -1.06 2.82 3.50
N ALA C 55 -0.46 1.67 3.77
CA ALA C 55 0.35 1.49 4.97
C ALA C 55 1.33 0.35 4.72
N LYS C 56 2.08 -0.02 5.75
CA LYS C 56 3.07 -1.09 5.63
C LYS C 56 2.39 -2.41 5.37
N ILE C 57 2.98 -3.20 4.48
CA ILE C 57 2.51 -4.55 4.17
C ILE C 57 3.38 -5.53 4.93
N TYR C 58 2.76 -6.39 5.74
CA TYR C 58 3.49 -7.39 6.52
C TYR C 58 3.33 -8.81 6.04
N ALA C 59 2.32 -9.12 5.24
CA ALA C 59 2.11 -10.49 4.80
C ALA C 59 1.43 -10.54 3.45
N MET C 60 1.74 -11.60 2.70
CA MET C 60 1.01 -11.93 1.48
C MET C 60 1.08 -13.44 1.30
N HIS C 61 0.15 -13.98 0.51
CA HIS C 61 0.12 -15.41 0.23
C HIS C 61 -0.54 -15.65 -1.11
N TRP C 62 0.16 -16.35 -2.00
CA TRP C 62 -0.43 -16.78 -3.26
C TRP C 62 -1.49 -17.86 -3.01
N GLY C 63 -2.54 -17.83 -3.81
CA GLY C 63 -3.47 -18.93 -3.83
C GLY C 63 -2.93 -20.10 -4.62
N THR C 64 -3.63 -21.23 -4.54
CA THR C 64 -3.19 -22.41 -5.29
C THR C 64 -3.71 -22.41 -6.72
N ASP C 65 -3.56 -21.28 -7.40
CA ASP C 65 -3.82 -21.18 -8.83
C ASP C 65 -2.84 -20.27 -9.53
N SER C 66 -1.91 -19.64 -8.79
CA SER C 66 -0.91 -18.72 -9.32
C SER C 66 -1.53 -17.46 -9.91
N ARG C 67 -2.75 -17.13 -9.53
CA ARG C 67 -3.40 -15.93 -10.03
C ARG C 67 -3.96 -15.05 -8.92
N LEU C 68 -4.48 -15.64 -7.85
CA LEU C 68 -5.05 -14.88 -6.74
C LEU C 68 -4.09 -14.84 -5.56
N LEU C 69 -3.99 -13.68 -4.93
CA LEU C 69 -3.14 -13.52 -3.75
C LEU C 69 -3.77 -12.52 -2.81
N VAL C 70 -3.62 -12.76 -1.51
CA VAL C 70 -4.15 -11.90 -0.47
C VAL C 70 -2.98 -11.18 0.19
N SER C 71 -3.16 -9.89 0.45
CA SER C 71 -2.13 -9.07 1.08
C SER C 71 -2.71 -8.38 2.31
N ALA C 72 -1.92 -8.35 3.39
CA ALA C 72 -2.32 -7.73 4.64
C ALA C 72 -1.48 -6.49 4.90
N SER C 73 -2.14 -5.42 5.35
CA SER C 73 -1.46 -4.16 5.60
C SER C 73 -2.04 -3.51 6.84
N GLN C 74 -1.31 -2.53 7.38
CA GLN C 74 -1.68 -1.84 8.61
C GLN C 74 -2.96 -1.01 8.47
N ASP C 75 -3.42 -0.75 7.25
CA ASP C 75 -4.65 0.01 7.08
C ASP C 75 -5.89 -0.76 7.53
N GLY C 76 -5.73 -2.00 8.00
CA GLY C 76 -6.85 -2.77 8.47
C GLY C 76 -7.67 -3.43 7.39
N LYS C 77 -7.06 -3.72 6.24
CA LYS C 77 -7.79 -4.30 5.12
C LYS C 77 -6.97 -5.41 4.47
N LEU C 78 -7.66 -6.50 4.15
CA LEU C 78 -7.11 -7.55 3.30
C LEU C 78 -7.63 -7.34 1.89
N ILE C 79 -6.74 -7.31 0.91
CA ILE C 79 -7.09 -7.12 -0.49
C ILE C 79 -6.68 -8.36 -1.25
N ILE C 80 -7.64 -8.97 -1.94
CA ILE C 80 -7.39 -10.12 -2.80
C ILE C 80 -7.21 -9.60 -4.21
N TRP C 81 -6.07 -9.93 -4.82
CA TRP C 81 -5.69 -9.39 -6.11
C TRP C 81 -5.82 -10.45 -7.19
N ASP C 82 -6.16 -10.00 -8.39
CA ASP C 82 -6.06 -10.80 -9.61
C ASP C 82 -4.78 -10.34 -10.29
N SER C 83 -3.67 -11.04 -10.03
CA SER C 83 -2.36 -10.60 -10.48
C SER C 83 -2.26 -10.50 -12.00
N TYR C 84 -3.08 -11.26 -12.73
CA TYR C 84 -3.02 -11.20 -14.19
C TYR C 84 -3.53 -9.86 -14.71
N THR C 85 -4.68 -9.42 -14.22
CA THR C 85 -5.32 -8.20 -14.69
C THR C 85 -5.10 -7.01 -13.77
N THR C 86 -4.42 -7.20 -12.65
CA THR C 86 -4.25 -6.18 -11.62
C THR C 86 -5.63 -5.62 -11.22
N ASN C 87 -6.41 -6.52 -10.63
CA ASN C 87 -7.78 -6.24 -10.24
C ASN C 87 -7.99 -6.61 -8.79
N LYS C 88 -8.81 -5.83 -8.10
CA LYS C 88 -9.14 -6.08 -6.69
C LYS C 88 -10.42 -6.90 -6.65
N VAL C 89 -10.29 -8.19 -6.38
CA VAL C 89 -11.47 -9.05 -6.28
C VAL C 89 -12.26 -8.74 -5.02
N HIS C 90 -11.58 -8.56 -3.90
CA HIS C 90 -12.24 -8.31 -2.62
C HIS C 90 -11.39 -7.35 -1.80
N ALA C 91 -12.06 -6.61 -0.91
CA ALA C 91 -11.41 -5.78 0.09
C ALA C 91 -12.11 -6.05 1.42
N ILE C 92 -11.40 -6.73 2.33
CA ILE C 92 -11.98 -7.20 3.58
C ILE C 92 -11.49 -6.29 4.71
N PRO C 93 -12.36 -5.46 5.30
CA PRO C 93 -11.94 -4.70 6.47
C PRO C 93 -11.66 -5.60 7.67
N LEU C 94 -10.71 -5.18 8.49
CA LEU C 94 -10.29 -5.96 9.65
C LEU C 94 -10.72 -5.27 10.93
N ARG C 95 -11.11 -6.08 11.92
CA ARG C 95 -11.46 -5.52 13.23
C ARG C 95 -10.24 -4.89 13.89
N SER C 96 -9.08 -5.53 13.78
CA SER C 96 -7.83 -5.00 14.30
C SER C 96 -6.89 -4.71 13.14
N SER C 97 -6.31 -3.51 13.15
CA SER C 97 -5.39 -3.09 12.09
C SER C 97 -3.96 -3.52 12.35
N TRP C 98 -3.69 -4.17 13.47
CA TRP C 98 -2.33 -4.62 13.82
C TRP C 98 -2.16 -6.06 13.35
N VAL C 99 -1.94 -6.20 12.06
CA VAL C 99 -1.86 -7.50 11.39
C VAL C 99 -0.41 -7.78 11.01
N MET C 100 0.04 -9.01 11.25
CA MET C 100 1.38 -9.43 10.91
C MET C 100 1.44 -10.68 10.06
N THR C 101 0.31 -11.34 9.79
CA THR C 101 0.32 -12.57 9.02
C THR C 101 -1.00 -12.68 8.25
N CYS C 102 -0.96 -13.49 7.19
CA CYS C 102 -2.15 -13.79 6.40
C CYS C 102 -1.89 -15.07 5.63
N ALA C 103 -2.95 -15.85 5.41
CA ALA C 103 -2.84 -17.12 4.71
C ALA C 103 -3.99 -17.28 3.74
N TYR C 104 -3.76 -18.07 2.70
CA TYR C 104 -4.76 -18.38 1.69
C TYR C 104 -5.02 -19.88 1.72
N ALA C 105 -6.29 -20.26 1.87
CA ALA C 105 -6.63 -21.67 1.95
C ALA C 105 -6.37 -22.36 0.61
N PRO C 106 -5.89 -23.60 0.64
CA PRO C 106 -5.65 -24.31 -0.64
C PRO C 106 -6.90 -24.46 -1.48
N SER C 107 -8.06 -24.64 -0.86
CA SER C 107 -9.30 -24.73 -1.62
C SER C 107 -9.72 -23.39 -2.20
N GLY C 108 -9.19 -22.28 -1.67
CA GLY C 108 -9.54 -20.96 -2.15
C GLY C 108 -10.80 -20.38 -1.58
N ASN C 109 -11.46 -21.06 -0.64
CA ASN C 109 -12.71 -20.58 -0.08
C ASN C 109 -12.51 -19.79 1.22
N TYR C 110 -11.30 -19.74 1.75
CA TYR C 110 -11.06 -19.06 3.02
C TYR C 110 -9.72 -18.35 2.99
N VAL C 111 -9.61 -17.29 3.80
CA VAL C 111 -8.36 -16.60 4.04
C VAL C 111 -8.18 -16.46 5.55
N ALA C 112 -6.92 -16.31 5.96
CA ALA C 112 -6.58 -16.20 7.37
C ALA C 112 -5.93 -14.85 7.64
N CYS C 113 -6.02 -14.42 8.90
CA CYS C 113 -5.49 -13.12 9.31
C CYS C 113 -5.20 -13.16 10.80
N GLY C 114 -4.12 -12.50 11.20
CA GLY C 114 -3.76 -12.47 12.61
C GLY C 114 -2.66 -11.46 12.86
N GLY C 115 -2.46 -11.15 14.13
CA GLY C 115 -1.47 -10.16 14.52
C GLY C 115 -1.42 -9.88 16.01
N LEU C 116 -1.40 -8.59 16.37
CA LEU C 116 -1.25 -8.19 17.77
C LEU C 116 -2.52 -8.41 18.58
N ASP C 117 -3.63 -8.78 17.96
CA ASP C 117 -4.86 -9.08 18.68
C ASP C 117 -4.88 -10.49 19.24
N ASN C 118 -3.84 -11.28 18.97
CA ASN C 118 -3.69 -12.66 19.47
C ASN C 118 -4.76 -13.60 18.93
N ILE C 119 -5.43 -13.21 17.84
CA ILE C 119 -6.57 -13.95 17.32
C ILE C 119 -6.33 -14.24 15.83
N CYS C 120 -6.58 -15.48 15.42
CA CYS C 120 -6.57 -15.86 14.02
C CYS C 120 -8.01 -15.85 13.51
N SER C 121 -8.26 -15.04 12.49
CA SER C 121 -9.60 -14.86 11.94
C SER C 121 -9.72 -15.54 10.58
N ILE C 122 -10.79 -16.30 10.40
CA ILE C 122 -11.06 -17.01 9.16
C ILE C 122 -12.23 -16.33 8.47
N TYR C 123 -12.08 -16.06 7.18
CA TYR C 123 -13.09 -15.37 6.38
C TYR C 123 -13.59 -16.29 5.28
N ASN C 124 -14.91 -16.31 5.08
CA ASN C 124 -15.53 -17.11 4.04
C ASN C 124 -15.64 -16.27 2.78
N LEU C 125 -14.86 -16.62 1.75
CA LEU C 125 -14.83 -15.84 0.53
C LEU C 125 -16.05 -16.09 -0.34
N LYS C 126 -16.57 -17.32 -0.35
CA LYS C 126 -17.68 -17.71 -1.21
C LYS C 126 -18.92 -17.86 -0.34
N THR C 127 -19.80 -16.85 -0.42
CA THR C 127 -21.03 -16.82 0.37
C THR C 127 -22.21 -16.59 -0.55
N ARG C 128 -23.39 -17.04 -0.11
CA ARG C 128 -24.61 -16.79 -0.86
C ARG C 128 -25.03 -15.34 -0.82
N GLU C 129 -24.57 -14.58 0.18
CA GLU C 129 -24.91 -13.17 0.31
C GLU C 129 -24.03 -12.27 -0.53
N GLY C 130 -22.97 -12.80 -1.13
CA GLY C 130 -22.12 -12.03 -2.01
C GLY C 130 -21.06 -11.20 -1.33
N ASN C 131 -20.91 -11.31 -0.01
CA ASN C 131 -19.91 -10.55 0.72
C ASN C 131 -19.04 -11.50 1.54
N VAL C 132 -17.85 -11.01 1.88
CA VAL C 132 -16.90 -11.78 2.68
C VAL C 132 -17.18 -11.47 4.15
N ARG C 133 -17.41 -12.53 4.93
CA ARG C 133 -17.72 -12.37 6.35
C ARG C 133 -16.82 -13.28 7.18
N VAL C 134 -16.66 -12.92 8.45
CA VAL C 134 -15.84 -13.69 9.37
C VAL C 134 -16.55 -15.00 9.67
N SER C 135 -15.82 -16.11 9.51
CA SER C 135 -16.37 -17.43 9.79
C SER C 135 -16.00 -17.96 11.16
N ARG C 136 -14.85 -17.56 11.70
CA ARG C 136 -14.40 -18.05 13.00
C ARG C 136 -13.35 -17.09 13.55
N GLU C 137 -13.26 -17.05 14.88
CA GLU C 137 -12.24 -16.28 15.58
C GLU C 137 -11.56 -17.23 16.57
N LEU C 138 -10.29 -17.54 16.32
CA LEU C 138 -9.56 -18.50 17.12
C LEU C 138 -8.78 -17.77 18.21
N ALA C 139 -9.10 -18.08 19.47
CA ALA C 139 -8.49 -17.43 20.62
C ALA C 139 -7.90 -18.48 21.54
N GLY C 140 -6.90 -18.07 22.31
CA GLY C 140 -6.20 -18.97 23.21
C GLY C 140 -4.72 -18.69 23.28
N HIS C 141 -4.17 -18.11 22.23
CA HIS C 141 -2.77 -17.68 22.25
C HIS C 141 -2.60 -16.53 23.23
N THR C 142 -1.45 -16.50 23.90
CA THR C 142 -1.16 -15.43 24.85
C THR C 142 -0.41 -14.28 24.20
N GLY C 143 0.60 -14.57 23.38
CA GLY C 143 1.35 -13.55 22.70
C GLY C 143 0.84 -13.31 21.28
N TYR C 144 1.46 -12.35 20.62
CA TYR C 144 1.07 -11.97 19.28
C TYR C 144 1.22 -13.14 18.31
N LEU C 145 0.32 -13.21 17.33
CA LEU C 145 0.31 -14.31 16.38
C LEU C 145 1.15 -13.89 15.18
N SER C 146 2.25 -14.62 14.94
CA SER C 146 3.22 -14.24 13.94
C SER C 146 3.03 -14.93 12.59
N CYS C 147 2.45 -16.12 12.57
CA CYS C 147 2.24 -16.83 11.33
C CYS C 147 1.07 -17.80 11.45
N CYS C 148 0.41 -18.05 10.33
CA CYS C 148 -0.67 -19.02 10.26
C CYS C 148 -0.66 -19.65 8.88
N ARG C 149 -0.96 -20.94 8.82
CA ARG C 149 -0.92 -21.69 7.56
C ARG C 149 -2.06 -22.71 7.55
N PHE C 150 -2.91 -22.63 6.54
CA PHE C 150 -4.02 -23.56 6.39
C PHE C 150 -3.50 -24.96 6.06
N LEU C 151 -4.11 -25.97 6.69
CA LEU C 151 -3.94 -27.36 6.28
C LEU C 151 -5.06 -27.81 5.36
N ASP C 152 -6.30 -27.56 5.76
CA ASP C 152 -7.47 -27.78 4.92
C ASP C 152 -8.51 -26.74 5.32
N ASP C 153 -9.77 -26.97 4.94
CA ASP C 153 -10.82 -26.03 5.31
C ASP C 153 -11.16 -26.07 6.79
N ASN C 154 -10.63 -27.03 7.55
CA ASN C 154 -10.98 -27.17 8.96
C ASN C 154 -9.79 -27.13 9.92
N GLN C 155 -8.57 -27.28 9.43
CA GLN C 155 -7.39 -27.29 10.30
C GLN C 155 -6.44 -26.18 9.89
N ILE C 156 -5.92 -25.46 10.89
CA ILE C 156 -4.93 -24.41 10.68
C ILE C 156 -3.90 -24.48 11.79
N VAL C 157 -2.66 -24.12 11.46
CA VAL C 157 -1.56 -24.10 12.41
C VAL C 157 -1.10 -22.67 12.58
N THR C 158 -1.00 -22.22 13.83
CA THR C 158 -0.65 -20.85 14.16
C THR C 158 0.59 -20.83 15.04
N SER C 159 1.47 -19.86 14.78
CA SER C 159 2.65 -19.61 15.60
C SER C 159 2.48 -18.28 16.30
N SER C 160 2.82 -18.25 17.59
CA SER C 160 2.57 -17.08 18.42
C SER C 160 3.86 -16.66 19.12
N GLY C 161 3.80 -15.48 19.75
CA GLY C 161 4.91 -14.95 20.52
C GLY C 161 5.01 -15.48 21.93
N ASP C 162 4.13 -16.40 22.32
CA ASP C 162 4.20 -17.06 23.62
C ASP C 162 5.00 -18.36 23.58
N THR C 163 5.97 -18.46 22.67
CA THR C 163 6.85 -19.62 22.55
C THR C 163 6.06 -20.90 22.28
N THR C 164 4.95 -20.79 21.55
CA THR C 164 4.04 -21.92 21.39
C THR C 164 3.42 -21.88 20.00
N CYS C 165 3.28 -23.05 19.39
CA CYS C 165 2.50 -23.25 18.18
C CYS C 165 1.30 -24.12 18.51
N ALA C 166 0.25 -23.98 17.69
CA ALA C 166 -1.01 -24.66 17.97
C ALA C 166 -1.60 -25.20 16.68
N LEU C 167 -2.46 -26.21 16.83
CA LEU C 167 -3.24 -26.77 15.74
C LEU C 167 -4.72 -26.67 16.13
N TRP C 168 -5.53 -26.15 15.22
CA TRP C 168 -6.91 -25.80 15.53
C TRP C 168 -7.88 -26.60 14.67
N ASP C 169 -9.08 -26.80 15.21
CA ASP C 169 -10.23 -27.24 14.44
C ASP C 169 -11.14 -26.03 14.28
N ILE C 170 -11.30 -25.56 13.04
CA ILE C 170 -12.01 -24.30 12.81
C ILE C 170 -13.48 -24.42 13.22
N GLU C 171 -14.11 -25.55 12.89
CA GLU C 171 -15.50 -25.74 13.26
C GLU C 171 -15.69 -25.73 14.77
N THR C 172 -14.83 -26.45 15.49
CA THR C 172 -14.91 -26.47 16.95
C THR C 172 -14.34 -25.20 17.57
N GLY C 173 -13.29 -24.65 16.98
CA GLY C 173 -12.65 -23.47 17.53
C GLY C 173 -11.74 -23.73 18.70
N GLN C 174 -11.30 -24.98 18.90
CA GLN C 174 -10.45 -25.34 20.01
C GLN C 174 -9.12 -25.88 19.50
N GLN C 175 -8.07 -25.69 20.31
CA GLN C 175 -6.74 -26.16 19.95
C GLN C 175 -6.68 -27.68 20.08
N THR C 176 -6.60 -28.36 18.93
CA THR C 176 -6.43 -29.81 18.95
C THR C 176 -5.09 -30.21 19.56
N THR C 177 -4.01 -29.51 19.18
CA THR C 177 -2.68 -29.84 19.65
C THR C 177 -1.96 -28.55 20.01
N THR C 178 -1.09 -28.64 21.01
CA THR C 178 -0.25 -27.53 21.44
C THR C 178 1.20 -27.97 21.40
N PHE C 179 2.05 -27.14 20.78
CA PHE C 179 3.46 -27.44 20.59
C PHE C 179 4.29 -26.55 21.51
N THR C 180 5.07 -27.16 22.39
CA THR C 180 5.84 -26.45 23.40
C THR C 180 7.29 -26.92 23.34
N GLY C 181 8.20 -26.03 23.72
CA GLY C 181 9.61 -26.35 23.71
C GLY C 181 10.50 -25.20 23.31
N HIS C 182 9.96 -24.25 22.55
CA HIS C 182 10.72 -23.07 22.18
C HIS C 182 10.93 -22.15 23.38
N THR C 183 12.09 -21.51 23.42
CA THR C 183 12.41 -20.57 24.50
C THR C 183 12.04 -19.14 24.14
N GLY C 184 12.17 -18.77 22.86
CA GLY C 184 11.82 -17.45 22.40
C GLY C 184 10.56 -17.46 21.54
N ASP C 185 10.19 -16.25 21.10
CA ASP C 185 8.97 -16.08 20.33
C ASP C 185 9.09 -16.72 18.95
N VAL C 186 8.12 -17.55 18.58
CA VAL C 186 8.09 -18.14 17.26
C VAL C 186 7.70 -17.07 16.24
N MET C 187 8.48 -16.96 15.17
CA MET C 187 8.29 -15.90 14.20
C MET C 187 7.82 -16.37 12.83
N SER C 188 8.22 -17.57 12.40
CA SER C 188 7.86 -18.08 11.09
C SER C 188 7.38 -19.52 11.22
N LEU C 189 6.78 -20.01 10.13
CA LEU C 189 6.17 -21.34 10.14
C LEU C 189 5.99 -21.79 8.69
N SER C 190 6.53 -22.96 8.37
CA SER C 190 6.44 -23.50 7.02
C SER C 190 5.87 -24.91 7.08
N LEU C 191 4.89 -25.18 6.22
CA LEU C 191 4.26 -26.50 6.15
C LEU C 191 4.94 -27.35 5.09
N ALA C 192 5.18 -28.62 5.43
CA ALA C 192 5.73 -29.55 4.45
C ALA C 192 4.69 -29.83 3.37
N PRO C 193 5.14 -30.19 2.16
CA PRO C 193 4.18 -30.53 1.10
C PRO C 193 3.26 -31.68 1.47
N ASP C 194 3.75 -32.66 2.23
CA ASP C 194 2.92 -33.78 2.67
C ASP C 194 2.01 -33.43 3.85
N THR C 195 2.21 -32.27 4.47
CA THR C 195 1.32 -31.70 5.48
C THR C 195 1.44 -32.46 6.80
N ARG C 196 2.16 -33.58 6.81
CA ARG C 196 2.35 -34.35 8.03
C ARG C 196 3.42 -33.76 8.94
N LEU C 197 4.22 -32.82 8.44
CA LEU C 197 5.26 -32.19 9.23
C LEU C 197 5.25 -30.68 8.96
N PHE C 198 5.83 -29.94 9.89
CA PHE C 198 6.06 -28.51 9.67
C PHE C 198 7.23 -28.07 10.55
N VAL C 199 7.89 -27.00 10.11
CA VAL C 199 9.05 -26.47 10.82
C VAL C 199 8.76 -25.02 11.19
N SER C 200 9.32 -24.61 12.33
CA SER C 200 9.15 -23.26 12.85
C SER C 200 10.49 -22.72 13.32
N GLY C 201 10.64 -21.40 13.23
CA GLY C 201 11.83 -20.73 13.71
C GLY C 201 11.49 -19.64 14.69
N ALA C 202 12.12 -19.65 15.85
CA ALA C 202 11.78 -18.76 16.95
C ALA C 202 12.93 -17.80 17.23
N CYS C 203 12.74 -16.96 18.25
CA CYS C 203 13.72 -15.96 18.64
C CYS C 203 14.87 -16.53 19.46
N ASP C 204 14.81 -17.81 19.81
CA ASP C 204 15.89 -18.45 20.55
C ASP C 204 17.01 -18.95 19.64
N ALA C 205 17.09 -18.44 18.40
CA ALA C 205 18.10 -18.85 17.44
C ALA C 205 18.08 -20.36 17.20
N SER C 206 16.88 -20.92 17.13
CA SER C 206 16.72 -22.36 16.94
C SER C 206 15.51 -22.63 16.06
N ALA C 207 15.54 -23.77 15.38
CA ALA C 207 14.44 -24.24 14.55
C ALA C 207 14.07 -25.64 14.98
N LYS C 208 12.78 -25.93 15.03
CA LYS C 208 12.27 -27.21 15.49
C LYS C 208 11.32 -27.80 14.45
N LEU C 209 11.47 -29.10 14.21
CA LEU C 209 10.61 -29.83 13.29
C LEU C 209 9.53 -30.55 14.10
N TRP C 210 8.28 -30.27 13.77
CA TRP C 210 7.13 -30.87 14.46
C TRP C 210 6.34 -31.72 13.48
N ASP C 211 5.63 -32.71 14.04
CA ASP C 211 4.67 -33.51 13.28
C ASP C 211 3.28 -33.28 13.86
N VAL C 212 2.33 -32.97 12.98
CA VAL C 212 0.97 -32.64 13.41
C VAL C 212 0.21 -33.86 13.92
N ARG C 213 0.69 -35.07 13.60
CA ARG C 213 -0.05 -36.28 13.98
C ARG C 213 -0.05 -36.48 15.49
N GLU C 214 1.12 -36.37 16.13
CA GLU C 214 1.23 -36.59 17.57
C GLU C 214 1.87 -35.43 18.31
N GLY C 215 2.31 -34.38 17.62
CA GLY C 215 2.65 -33.13 18.27
C GLY C 215 3.82 -33.16 19.23
N MET C 216 4.91 -33.82 18.84
CA MET C 216 6.13 -33.83 19.64
C MET C 216 7.30 -33.41 18.77
N CYS C 217 8.20 -32.60 19.34
CA CYS C 217 9.35 -32.12 18.59
C CYS C 217 10.27 -33.29 18.25
N ARG C 218 10.63 -33.40 16.96
CA ARG C 218 11.51 -34.46 16.49
C ARG C 218 12.97 -34.02 16.42
N GLN C 219 13.24 -32.86 15.83
CA GLN C 219 14.60 -32.39 15.62
C GLN C 219 14.72 -30.93 16.03
N THR C 220 15.89 -30.57 16.54
CA THR C 220 16.20 -29.20 16.93
C THR C 220 17.49 -28.77 16.25
N PHE C 221 17.44 -27.60 15.59
CA PHE C 221 18.57 -27.10 14.82
C PHE C 221 19.06 -25.81 15.45
N THR C 222 20.39 -25.69 15.59
CA THR C 222 20.99 -24.49 16.19
C THR C 222 22.27 -24.15 15.43
N GLY C 223 22.18 -23.12 14.59
CA GLY C 223 23.35 -22.63 13.88
C GLY C 223 23.43 -21.13 13.78
N HIS C 224 22.38 -20.44 14.23
CA HIS C 224 22.26 -19.01 14.08
C HIS C 224 22.67 -18.29 15.37
N GLU C 225 22.92 -16.99 15.22
CA GLU C 225 23.38 -16.16 16.33
C GLU C 225 22.36 -15.13 16.79
N SER C 226 21.21 -15.04 16.13
CA SER C 226 20.22 -14.04 16.49
C SER C 226 18.84 -14.60 16.19
N ASP C 227 17.84 -13.72 16.17
CA ASP C 227 16.46 -14.13 15.97
C ASP C 227 16.26 -14.71 14.57
N ILE C 228 15.46 -15.76 14.48
CA ILE C 228 15.07 -16.33 13.19
C ILE C 228 13.74 -15.71 12.78
N ASN C 229 13.73 -15.05 11.61
CA ASN C 229 12.55 -14.33 11.16
C ASN C 229 11.76 -15.07 10.10
N ALA C 230 12.40 -15.87 9.26
CA ALA C 230 11.72 -16.53 8.16
C ALA C 230 12.17 -17.98 8.06
N ILE C 231 11.26 -18.82 7.57
CA ILE C 231 11.55 -20.24 7.36
C ILE C 231 10.67 -20.72 6.22
N CYS C 232 11.19 -21.69 5.46
CA CYS C 232 10.46 -22.23 4.32
C CYS C 232 11.07 -23.57 3.93
N PHE C 233 10.21 -24.53 3.58
CA PHE C 233 10.65 -25.86 3.22
C PHE C 233 11.20 -25.90 1.79
N PHE C 234 12.15 -26.80 1.58
CA PHE C 234 12.57 -27.16 0.24
C PHE C 234 11.43 -27.88 -0.47
N PRO C 235 11.35 -27.77 -1.80
CA PRO C 235 10.30 -28.51 -2.52
C PRO C 235 10.34 -30.00 -2.29
N ASN C 236 11.53 -30.56 -2.06
CA ASN C 236 11.63 -31.98 -1.74
C ASN C 236 10.93 -32.32 -0.44
N GLY C 237 10.89 -31.37 0.51
CA GLY C 237 10.35 -31.62 1.82
C GLY C 237 11.33 -32.22 2.80
N ASN C 238 12.58 -32.45 2.38
CA ASN C 238 13.61 -33.00 3.24
C ASN C 238 14.60 -31.94 3.70
N ALA C 239 14.34 -30.67 3.42
CA ALA C 239 15.24 -29.59 3.81
C ALA C 239 14.44 -28.31 3.96
N PHE C 240 15.06 -27.32 4.61
CA PHE C 240 14.43 -26.03 4.80
C PHE C 240 15.50 -24.97 4.96
N ALA C 241 15.10 -23.72 4.74
CA ALA C 241 16.00 -22.58 4.80
C ALA C 241 15.51 -21.60 5.86
N THR C 242 16.45 -20.97 6.56
CA THR C 242 16.15 -20.05 7.64
C THR C 242 16.81 -18.70 7.39
N GLY C 243 16.06 -17.64 7.56
CA GLY C 243 16.59 -16.28 7.52
C GLY C 243 16.55 -15.68 8.91
N SER C 244 17.61 -14.95 9.27
CA SER C 244 17.79 -14.50 10.64
C SER C 244 18.19 -13.03 10.64
N ASP C 245 18.17 -12.45 11.85
CA ASP C 245 18.59 -11.07 12.06
C ASP C 245 20.10 -10.89 11.97
N ASP C 246 20.88 -11.98 11.91
CA ASP C 246 22.32 -11.90 11.78
C ASP C 246 22.77 -11.72 10.34
N ALA C 247 21.87 -11.28 9.46
CA ALA C 247 22.18 -11.05 8.04
C ALA C 247 22.69 -12.31 7.36
N THR C 248 22.16 -13.47 7.75
CA THR C 248 22.63 -14.74 7.23
C THR C 248 21.46 -15.65 6.95
N CYS C 249 21.60 -16.45 5.90
CA CYS C 249 20.65 -17.51 5.56
C CYS C 249 21.37 -18.84 5.65
N ARG C 250 20.70 -19.85 6.20
CA ARG C 250 21.28 -21.16 6.42
C ARG C 250 20.33 -22.24 5.95
N LEU C 251 20.88 -23.32 5.40
CA LEU C 251 20.11 -24.44 4.88
C LEU C 251 20.33 -25.66 5.77
N PHE C 252 19.24 -26.26 6.23
CA PHE C 252 19.30 -27.42 7.09
C PHE C 252 18.65 -28.62 6.39
N ASP C 253 19.17 -29.81 6.69
CA ASP C 253 18.64 -31.06 6.17
C ASP C 253 18.21 -31.95 7.33
N LEU C 254 16.99 -32.48 7.25
CA LEU C 254 16.44 -33.24 8.37
C LEU C 254 17.16 -34.58 8.55
N ARG C 255 17.36 -35.32 7.46
CA ARG C 255 17.95 -36.65 7.57
C ARG C 255 19.40 -36.57 8.04
N ALA C 256 20.18 -35.64 7.49
CA ALA C 256 21.53 -35.43 8.00
C ALA C 256 21.51 -34.75 9.36
N ASP C 257 20.48 -33.96 9.62
CA ASP C 257 20.25 -33.32 10.92
C ASP C 257 21.44 -32.42 11.29
N GLN C 258 21.69 -31.43 10.43
CA GLN C 258 22.64 -30.36 10.69
C GLN C 258 22.59 -29.38 9.52
N GLU C 259 23.31 -28.28 9.69
CA GLU C 259 23.40 -27.28 8.63
C GLU C 259 24.22 -27.81 7.45
N LEU C 260 23.80 -27.45 6.24
CA LEU C 260 24.52 -27.81 5.02
C LEU C 260 25.23 -26.64 4.37
N MET C 261 24.59 -25.48 4.32
CA MET C 261 25.16 -24.33 3.63
C MET C 261 24.72 -23.04 4.31
N THR C 262 25.62 -22.05 4.32
CA THR C 262 25.34 -20.72 4.83
C THR C 262 25.41 -19.72 3.68
N TYR C 263 24.51 -18.73 3.72
CA TYR C 263 24.44 -17.70 2.70
C TYR C 263 24.70 -16.35 3.36
N SER C 264 25.84 -15.75 3.06
CA SER C 264 26.19 -14.46 3.65
C SER C 264 27.15 -13.73 2.72
N HIS C 265 27.23 -12.42 2.92
CA HIS C 265 28.19 -11.58 2.22
C HIS C 265 28.73 -10.53 3.18
N ASP C 266 29.96 -10.10 2.95
CA ASP C 266 30.59 -9.11 3.83
C ASP C 266 29.88 -7.76 3.76
N ASN C 267 29.21 -7.47 2.64
CA ASN C 267 28.53 -6.20 2.45
C ASN C 267 27.08 -6.22 2.89
N ILE C 268 26.61 -7.31 3.46
CA ILE C 268 25.24 -7.44 3.95
C ILE C 268 25.29 -7.45 5.46
N ILE C 269 24.69 -6.42 6.08
CA ILE C 269 24.68 -6.29 7.54
C ILE C 269 23.25 -6.13 8.05
N CYS C 270 22.26 -6.52 7.26
CA CYS C 270 20.86 -6.37 7.63
C CYS C 270 20.17 -7.73 7.64
N GLY C 271 19.23 -7.89 8.57
CA GLY C 271 18.55 -9.16 8.73
C GLY C 271 17.62 -9.47 7.57
N ILE C 272 17.18 -10.73 7.55
CA ILE C 272 16.28 -11.24 6.52
C ILE C 272 14.87 -11.24 7.06
N THR C 273 13.92 -10.73 6.27
CA THR C 273 12.52 -10.69 6.63
C THR C 273 11.72 -11.86 6.09
N SER C 274 12.05 -12.33 4.88
CA SER C 274 11.32 -13.43 4.28
C SER C 274 12.27 -14.28 3.43
N VAL C 275 11.95 -15.56 3.33
CA VAL C 275 12.69 -16.49 2.47
C VAL C 275 11.69 -17.31 1.68
N SER C 276 12.11 -17.75 0.50
CA SER C 276 11.28 -18.60 -0.35
C SER C 276 12.18 -19.30 -1.36
N PHE C 277 11.70 -20.45 -1.83
CA PHE C 277 12.40 -21.24 -2.84
C PHE C 277 11.67 -21.15 -4.17
N SER C 278 12.42 -21.45 -5.24
CA SER C 278 11.84 -21.56 -6.55
C SER C 278 11.14 -22.92 -6.68
N LYS C 279 10.60 -23.20 -7.87
CA LYS C 279 9.89 -24.45 -8.08
C LYS C 279 10.82 -25.65 -7.92
N SER C 280 12.03 -25.55 -8.46
CA SER C 280 12.99 -26.65 -8.39
C SER C 280 13.90 -26.58 -7.18
N GLY C 281 13.84 -25.51 -6.40
CA GLY C 281 14.71 -25.35 -5.25
C GLY C 281 16.10 -24.86 -5.55
N ARG C 282 16.43 -24.59 -6.81
CA ARG C 282 17.76 -24.11 -7.15
C ARG C 282 17.96 -22.66 -6.73
N LEU C 283 16.91 -21.85 -6.74
CA LEU C 283 16.98 -20.45 -6.40
C LEU C 283 16.36 -20.22 -5.03
N LEU C 284 17.10 -19.54 -4.16
CA LEU C 284 16.63 -19.17 -2.83
C LEU C 284 16.49 -17.66 -2.77
N LEU C 285 15.25 -17.19 -2.77
CA LEU C 285 14.95 -15.77 -2.74
C LEU C 285 14.73 -15.33 -1.30
N ALA C 286 15.41 -14.26 -0.89
CA ALA C 286 15.31 -13.77 0.48
C ALA C 286 15.17 -12.25 0.46
N GLY C 287 14.22 -11.74 1.24
CA GLY C 287 14.07 -10.31 1.41
C GLY C 287 14.89 -9.81 2.59
N TYR C 288 15.42 -8.60 2.45
CA TYR C 288 16.36 -8.06 3.41
C TYR C 288 15.88 -6.70 3.89
N ASP C 289 16.56 -6.16 4.91
CA ASP C 289 16.23 -4.87 5.47
C ASP C 289 16.86 -3.71 4.72
N ASP C 290 17.77 -3.98 3.77
CA ASP C 290 18.43 -2.91 3.03
C ASP C 290 17.66 -2.52 1.79
N PHE C 291 16.34 -2.70 1.80
CA PHE C 291 15.36 -2.26 0.80
C PHE C 291 15.35 -3.19 -0.40
N ASN C 292 16.06 -4.32 -0.36
CA ASN C 292 16.29 -5.15 -1.53
C ASN C 292 15.96 -6.60 -1.24
N CYS C 293 15.70 -7.35 -2.30
CA CYS C 293 15.52 -8.78 -2.26
C CYS C 293 16.65 -9.45 -3.03
N ASN C 294 17.34 -10.40 -2.40
CA ASN C 294 18.51 -11.04 -2.96
C ASN C 294 18.18 -12.46 -3.42
N VAL C 295 18.64 -12.81 -4.62
CA VAL C 295 18.47 -14.14 -5.18
C VAL C 295 19.75 -14.93 -4.94
N TRP C 296 19.61 -16.12 -4.36
CA TRP C 296 20.74 -16.94 -3.98
C TRP C 296 20.73 -18.27 -4.74
N ASP C 297 21.92 -18.78 -5.01
CA ASP C 297 22.09 -20.11 -5.57
C ASP C 297 22.18 -21.10 -4.41
N ALA C 298 21.12 -21.89 -4.25
CA ALA C 298 21.03 -22.79 -3.09
C ALA C 298 22.13 -23.82 -3.07
N LEU C 299 22.76 -24.11 -4.21
CA LEU C 299 23.83 -25.09 -4.28
C LEU C 299 25.22 -24.47 -4.35
N LYS C 300 25.33 -23.16 -4.58
CA LYS C 300 26.62 -22.50 -4.72
C LYS C 300 26.91 -21.46 -3.65
N ALA C 301 25.91 -21.01 -2.89
CA ALA C 301 26.07 -19.97 -1.88
C ALA C 301 26.59 -18.67 -2.48
N ASP C 302 26.23 -18.40 -3.73
CA ASP C 302 26.64 -17.18 -4.41
C ASP C 302 25.40 -16.44 -4.91
N ARG C 303 25.41 -15.13 -4.75
CA ARG C 303 24.31 -14.31 -5.26
C ARG C 303 24.24 -14.40 -6.78
N ALA C 304 23.04 -14.66 -7.29
CA ALA C 304 22.81 -14.67 -8.73
C ALA C 304 22.05 -13.46 -9.24
N GLY C 305 21.39 -12.72 -8.36
CA GLY C 305 20.66 -11.54 -8.79
C GLY C 305 20.13 -10.78 -7.58
N VAL C 306 19.72 -9.55 -7.85
CA VAL C 306 19.17 -8.66 -6.83
C VAL C 306 17.87 -8.06 -7.34
N LEU C 307 16.85 -8.07 -6.51
CA LEU C 307 15.55 -7.48 -6.82
C LEU C 307 15.46 -6.16 -6.07
N ALA C 308 15.69 -5.05 -6.77
CA ALA C 308 15.76 -3.72 -6.18
C ALA C 308 14.71 -2.84 -6.86
N GLY C 309 13.51 -2.81 -6.28
CA GLY C 309 12.47 -1.95 -6.80
C GLY C 309 11.61 -1.33 -5.71
N HIS C 310 11.95 -1.60 -4.45
CA HIS C 310 11.16 -1.17 -3.32
C HIS C 310 11.86 -0.04 -2.58
N ASP C 311 11.08 0.98 -2.21
CA ASP C 311 11.59 2.15 -1.51
C ASP C 311 11.57 1.99 -0.01
N ASN C 312 11.18 0.83 0.52
CA ASN C 312 11.21 0.57 1.95
C ASN C 312 11.61 -0.88 2.17
N ARG C 313 11.52 -1.34 3.41
CA ARG C 313 11.93 -2.69 3.76
C ARG C 313 11.02 -3.73 3.11
N VAL C 314 11.64 -4.72 2.47
CA VAL C 314 10.90 -5.84 1.90
C VAL C 314 10.49 -6.77 3.02
N SER C 315 9.18 -6.88 3.27
CA SER C 315 8.67 -7.68 4.37
C SER C 315 7.99 -8.96 3.92
N CYS C 316 7.78 -9.16 2.62
CA CYS C 316 7.03 -10.29 2.13
C CYS C 316 7.73 -10.92 0.94
N LEU C 317 7.48 -12.21 0.74
CA LEU C 317 7.95 -12.92 -0.44
C LEU C 317 6.98 -14.05 -0.74
N GLY C 318 6.95 -14.46 -2.00
CA GLY C 318 6.09 -15.54 -2.42
C GLY C 318 6.35 -16.01 -3.83
N VAL C 319 6.49 -17.32 -4.01
CA VAL C 319 6.65 -17.93 -5.32
C VAL C 319 5.41 -18.77 -5.61
N THR C 320 4.88 -18.62 -6.81
CA THR C 320 3.65 -19.30 -7.17
C THR C 320 3.85 -20.80 -7.23
N ASP C 321 2.74 -21.53 -7.27
CA ASP C 321 2.80 -22.99 -7.34
C ASP C 321 3.46 -23.46 -8.63
N ASP C 322 3.15 -22.79 -9.74
CA ASP C 322 3.77 -23.13 -11.02
C ASP C 322 5.14 -22.49 -11.20
N GLY C 323 5.57 -21.63 -10.28
CA GLY C 323 6.88 -21.01 -10.37
C GLY C 323 7.01 -19.93 -11.40
N MET C 324 5.90 -19.44 -11.94
CA MET C 324 5.97 -18.44 -13.00
C MET C 324 6.35 -17.06 -12.48
N ALA C 325 5.89 -16.69 -11.28
CA ALA C 325 6.06 -15.33 -10.79
C ALA C 325 6.51 -15.33 -9.34
N VAL C 326 7.14 -14.23 -8.96
CA VAL C 326 7.51 -13.96 -7.57
C VAL C 326 6.93 -12.61 -7.20
N ALA C 327 6.15 -12.58 -6.12
CA ALA C 327 5.53 -11.35 -5.63
C ALA C 327 6.21 -10.93 -4.35
N THR C 328 6.56 -9.64 -4.28
CA THR C 328 7.32 -9.09 -3.16
C THR C 328 6.55 -7.90 -2.58
N GLY C 329 6.14 -8.02 -1.32
CA GLY C 329 5.52 -6.92 -0.60
C GLY C 329 6.53 -6.24 0.30
N SER C 330 6.34 -4.94 0.50
CA SER C 330 7.28 -4.14 1.27
C SER C 330 6.53 -3.11 2.09
N TRP C 331 7.28 -2.39 2.94
CA TRP C 331 6.72 -1.37 3.80
C TRP C 331 6.32 -0.11 3.05
N ASP C 332 6.68 0.00 1.77
CA ASP C 332 6.37 1.17 0.96
C ASP C 332 4.94 1.15 0.41
N SER C 333 4.07 0.30 0.97
CA SER C 333 2.66 0.17 0.65
C SER C 333 2.41 -0.41 -0.73
N PHE C 334 3.44 -0.75 -1.49
CA PHE C 334 3.29 -1.37 -2.80
C PHE C 334 3.87 -2.77 -2.78
N LEU C 335 3.31 -3.64 -3.62
CA LEU C 335 3.84 -4.97 -3.83
C LEU C 335 3.89 -5.25 -5.32
N LYS C 336 5.00 -5.82 -5.78
CA LYS C 336 5.27 -6.01 -7.19
C LYS C 336 5.39 -7.49 -7.51
N ILE C 337 5.15 -7.82 -8.78
CA ILE C 337 5.29 -9.17 -9.30
C ILE C 337 6.48 -9.19 -10.26
N TRP C 338 7.40 -10.10 -10.01
CA TRP C 338 8.63 -10.15 -10.79
C TRP C 338 8.73 -11.47 -11.52
N ASN C 339 8.97 -11.42 -12.82
CA ASN C 339 9.20 -12.67 -13.59
C ASN C 339 10.20 -12.35 -14.68
N GLN D 11 9.92 -28.81 35.07
CA GLN D 11 10.91 -29.71 35.64
C GLN D 11 12.08 -29.92 34.69
N ALA D 12 13.25 -30.25 35.25
CA ALA D 12 14.43 -30.47 34.43
C ALA D 12 14.39 -31.80 33.69
N ARG D 13 13.54 -32.74 34.12
CA ARG D 13 13.43 -34.02 33.44
C ARG D 13 12.80 -33.89 32.06
N LYS D 14 12.05 -32.81 31.81
CA LYS D 14 11.44 -32.62 30.50
C LYS D 14 12.50 -32.43 29.42
N LEU D 15 13.55 -31.67 29.72
CA LEU D 15 14.63 -31.47 28.76
C LEU D 15 15.35 -32.79 28.46
N VAL D 16 15.63 -33.57 29.51
CA VAL D 16 16.34 -34.84 29.31
C VAL D 16 15.51 -35.78 28.44
N GLU D 17 14.20 -35.86 28.70
CA GLU D 17 13.34 -36.73 27.89
C GLU D 17 13.28 -36.25 26.45
N GLN D 18 13.25 -34.93 26.24
CA GLN D 18 13.19 -34.41 24.88
C GLN D 18 14.51 -34.60 24.15
N LEU D 19 15.63 -34.30 24.82
CA LEU D 19 16.93 -34.50 24.19
C LEU D 19 17.20 -35.97 23.91
N LYS D 20 16.68 -36.87 24.75
CA LYS D 20 16.86 -38.30 24.52
C LYS D 20 16.19 -38.74 23.22
N MET D 21 14.99 -38.21 22.95
CA MET D 21 14.29 -38.58 21.72
C MET D 21 15.00 -38.06 20.48
N GLU D 22 15.66 -36.91 20.57
CA GLU D 22 16.35 -36.32 19.42
C GLU D 22 17.81 -36.73 19.34
N ALA D 23 18.32 -37.49 20.30
CA ALA D 23 19.69 -37.98 20.25
C ALA D 23 19.81 -39.35 19.59
N ASN D 24 18.69 -40.00 19.28
CA ASN D 24 18.69 -41.33 18.65
C ASN D 24 17.82 -41.25 17.39
N ILE D 25 18.43 -40.84 16.28
CA ILE D 25 17.75 -40.72 15.00
C ILE D 25 18.63 -41.36 13.94
N ASP D 26 18.01 -42.05 12.98
CA ASP D 26 18.75 -42.73 11.91
C ASP D 26 19.27 -41.69 10.93
N ARG D 27 20.36 -41.03 11.32
CA ARG D 27 20.97 -40.01 10.50
C ARG D 27 21.71 -40.62 9.32
N ILE D 28 21.85 -39.83 8.26
CA ILE D 28 22.65 -40.22 7.10
C ILE D 28 23.79 -39.21 6.94
N LYS D 29 24.65 -39.43 5.97
CA LYS D 29 25.80 -38.56 5.78
C LYS D 29 25.41 -37.31 4.99
N VAL D 30 26.21 -36.26 5.15
CA VAL D 30 25.96 -35.00 4.46
C VAL D 30 26.11 -35.19 2.95
N SER D 31 27.12 -35.95 2.53
CA SER D 31 27.33 -36.17 1.10
C SER D 31 26.14 -36.86 0.47
N LYS D 32 25.55 -37.84 1.16
CA LYS D 32 24.30 -38.42 0.69
C LYS D 32 23.17 -37.42 0.75
N ALA D 33 23.12 -36.62 1.81
CA ALA D 33 22.10 -35.58 1.92
C ALA D 33 22.27 -34.53 0.83
N ALA D 34 23.51 -34.14 0.53
CA ALA D 34 23.74 -33.15 -0.51
C ALA D 34 23.40 -33.69 -1.89
N ALA D 35 23.66 -34.98 -2.12
CA ALA D 35 23.38 -35.58 -3.42
C ALA D 35 21.88 -35.58 -3.71
N ASP D 36 21.05 -35.75 -2.68
CA ASP D 36 19.61 -35.76 -2.88
C ASP D 36 19.11 -34.40 -3.35
N LEU D 37 19.57 -33.33 -2.70
CA LEU D 37 19.16 -31.98 -3.11
C LEU D 37 19.74 -31.63 -4.47
N MET D 38 20.99 -32.03 -4.73
CA MET D 38 21.58 -31.77 -6.04
C MET D 38 20.83 -32.50 -7.15
N ALA D 39 20.40 -33.74 -6.89
CA ALA D 39 19.65 -34.49 -7.89
C ALA D 39 18.26 -33.91 -8.09
N TYR D 40 17.65 -33.39 -7.03
CA TYR D 40 16.30 -32.83 -7.16
C TYR D 40 16.28 -31.62 -8.07
N CYS D 41 17.26 -30.73 -7.93
CA CYS D 41 17.28 -29.52 -8.75
C CYS D 41 17.47 -29.83 -10.22
N GLU D 42 18.35 -30.79 -10.53
CA GLU D 42 18.59 -31.15 -11.92
C GLU D 42 17.41 -31.88 -12.53
N ALA D 43 16.63 -32.59 -11.71
CA ALA D 43 15.47 -33.31 -12.23
C ALA D 43 14.36 -32.35 -12.64
N HIS D 44 14.20 -31.23 -11.93
CA HIS D 44 13.14 -30.27 -12.20
C HIS D 44 13.69 -28.97 -12.77
N ALA D 45 14.87 -29.00 -13.39
CA ALA D 45 15.45 -27.78 -13.95
C ALA D 45 14.60 -27.24 -15.10
N LYS D 46 14.09 -28.13 -15.95
CA LYS D 46 13.29 -27.71 -17.11
C LYS D 46 11.93 -27.15 -16.71
N GLU D 47 11.50 -27.36 -15.46
CA GLU D 47 10.21 -26.87 -14.98
C GLU D 47 10.37 -25.72 -13.99
N ASP D 48 11.45 -24.93 -14.14
CA ASP D 48 11.74 -23.80 -13.27
C ASP D 48 11.75 -22.53 -14.11
N PRO D 49 10.61 -21.82 -14.19
CA PRO D 49 10.57 -20.59 -14.99
C PRO D 49 11.55 -19.52 -14.52
N LEU D 50 11.83 -19.45 -13.22
CA LEU D 50 12.79 -18.46 -12.73
C LEU D 50 14.18 -18.71 -13.30
N LEU D 51 14.60 -19.97 -13.37
CA LEU D 51 15.91 -20.30 -13.92
C LEU D 51 15.95 -20.01 -15.42
N THR D 52 15.09 -20.68 -16.19
CA THR D 52 15.01 -20.49 -17.62
C THR D 52 13.82 -19.60 -17.92
N PRO D 53 14.03 -18.34 -18.33
CA PRO D 53 12.89 -17.46 -18.62
C PRO D 53 12.01 -18.03 -19.72
N VAL D 54 10.69 -17.91 -19.53
CA VAL D 54 9.72 -18.43 -20.49
C VAL D 54 9.52 -17.40 -21.60
N PRO D 55 9.14 -17.84 -22.81
CA PRO D 55 8.84 -16.88 -23.87
C PRO D 55 7.59 -16.07 -23.54
N ALA D 56 7.52 -14.88 -24.14
CA ALA D 56 6.40 -13.98 -23.89
C ALA D 56 5.06 -14.57 -24.32
N SER D 57 5.08 -15.55 -25.22
CA SER D 57 3.83 -16.19 -25.64
C SER D 57 3.17 -16.94 -24.49
N GLU D 58 3.98 -17.62 -23.67
CA GLU D 58 3.47 -18.43 -22.57
C GLU D 58 3.70 -17.78 -21.21
N ASN D 59 3.95 -16.47 -21.18
CA ASN D 59 4.17 -15.75 -19.94
C ASN D 59 2.96 -14.90 -19.60
N PRO D 60 2.20 -15.24 -18.56
CA PRO D 60 1.02 -14.42 -18.21
C PRO D 60 1.36 -13.01 -17.79
N PHE D 61 2.57 -12.76 -17.32
CA PHE D 61 2.98 -11.44 -16.87
C PHE D 61 3.92 -10.78 -17.87
N VAL E 2 -31.60 -15.34 0.55
CA VAL E 2 -31.67 -14.72 -0.76
C VAL E 2 -33.09 -14.82 -1.31
N GLN E 3 -33.72 -13.68 -1.55
CA GLN E 3 -35.10 -13.64 -2.02
C GLN E 3 -35.31 -12.38 -2.85
N LEU E 4 -35.74 -12.56 -4.09
CA LEU E 4 -36.15 -11.45 -4.95
C LEU E 4 -37.64 -11.60 -5.23
N VAL E 5 -38.42 -10.58 -4.90
CA VAL E 5 -39.87 -10.60 -5.06
C VAL E 5 -40.26 -9.47 -6.00
N GLU E 6 -40.96 -9.81 -7.07
CA GLU E 6 -41.39 -8.83 -8.07
C GLU E 6 -42.80 -8.35 -7.77
N SER E 7 -43.07 -7.10 -8.15
CA SER E 7 -44.39 -6.50 -7.97
C SER E 7 -44.74 -5.72 -9.22
N GLY E 8 -46.03 -5.42 -9.36
CA GLY E 8 -46.53 -4.74 -10.54
C GLY E 8 -47.09 -5.72 -11.55
N GLY E 9 -47.50 -5.17 -12.69
CA GLY E 9 -48.05 -5.97 -13.76
C GLY E 9 -49.55 -6.18 -13.62
N GLY E 10 -50.16 -6.52 -14.75
CA GLY E 10 -51.59 -6.74 -14.79
C GLY E 10 -52.13 -6.38 -16.16
N LEU E 11 -53.43 -6.07 -16.19
CA LEU E 11 -54.10 -5.70 -17.43
C LEU E 11 -53.84 -4.23 -17.71
N VAL E 12 -53.04 -3.96 -18.75
CA VAL E 12 -52.69 -2.60 -19.14
C VAL E 12 -53.09 -2.41 -20.59
N GLN E 13 -53.84 -1.33 -20.86
CA GLN E 13 -54.27 -1.04 -22.22
C GLN E 13 -53.07 -0.63 -23.07
N PRO E 14 -53.14 -0.85 -24.39
CA PRO E 14 -52.02 -0.46 -25.26
C PRO E 14 -51.75 1.03 -25.21
N GLY E 15 -50.47 1.38 -25.31
CA GLY E 15 -50.05 2.77 -25.26
C GLY E 15 -49.87 3.34 -23.88
N GLY E 16 -50.13 2.57 -22.83
CA GLY E 16 -50.01 3.05 -21.47
C GLY E 16 -48.61 2.88 -20.92
N SER E 17 -48.48 3.14 -19.62
CA SER E 17 -47.21 3.03 -18.91
C SER E 17 -47.41 2.22 -17.64
N ARG E 18 -46.36 1.51 -17.24
CA ARG E 18 -46.40 0.68 -16.04
C ARG E 18 -45.01 0.56 -15.47
N LYS E 19 -44.91 0.54 -14.14
CA LYS E 19 -43.64 0.41 -13.44
C LYS E 19 -43.60 -0.91 -12.71
N LEU E 20 -42.55 -1.69 -12.93
CA LEU E 20 -42.34 -2.96 -12.27
C LEU E 20 -41.22 -2.81 -11.23
N SER E 21 -41.47 -3.30 -10.02
CA SER E 21 -40.53 -3.19 -8.92
C SER E 21 -40.21 -4.55 -8.36
N CYS E 22 -38.94 -4.76 -8.00
CA CYS E 22 -38.48 -6.00 -7.39
C CYS E 22 -37.77 -5.67 -6.08
N SER E 23 -38.13 -6.37 -5.02
CA SER E 23 -37.55 -6.16 -3.70
C SER E 23 -36.57 -7.27 -3.38
N ALA E 24 -35.37 -6.90 -2.96
CA ALA E 24 -34.29 -7.84 -2.69
C ALA E 24 -34.07 -7.96 -1.20
N SER E 25 -33.95 -9.21 -0.73
CA SER E 25 -33.69 -9.47 0.68
C SER E 25 -32.83 -10.72 0.80
N GLY E 26 -31.93 -10.73 1.78
CA GLY E 26 -31.10 -11.88 2.06
C GLY E 26 -29.68 -11.77 1.55
N PHE E 27 -29.40 -10.85 0.63
CA PHE E 27 -28.06 -10.66 0.10
C PHE E 27 -27.77 -9.17 0.02
N ALA E 28 -26.55 -8.83 -0.42
CA ALA E 28 -26.10 -7.45 -0.49
C ALA E 28 -26.51 -6.86 -1.83
N PHE E 29 -27.52 -5.99 -1.83
CA PHE E 29 -27.99 -5.36 -3.05
C PHE E 29 -27.22 -4.07 -3.35
N SER E 30 -25.89 -4.18 -3.30
CA SER E 30 -25.03 -3.11 -3.77
C SER E 30 -23.80 -3.59 -4.51
N SER E 31 -23.58 -4.90 -4.59
CA SER E 31 -22.47 -5.48 -5.32
C SER E 31 -22.92 -6.40 -6.44
N PHE E 32 -24.22 -6.56 -6.64
CA PHE E 32 -24.78 -7.47 -7.62
C PHE E 32 -25.36 -6.67 -8.77
N GLY E 33 -24.92 -6.96 -10.00
CA GLY E 33 -25.58 -6.43 -11.17
C GLY E 33 -26.95 -7.05 -11.36
N MET E 34 -27.87 -6.26 -11.88
CA MET E 34 -29.25 -6.67 -11.99
C MET E 34 -29.68 -6.72 -13.45
N HIS E 35 -30.58 -7.66 -13.76
CA HIS E 35 -31.06 -7.89 -15.10
C HIS E 35 -32.57 -8.01 -15.09
N TRP E 36 -33.17 -7.80 -16.27
CA TRP E 36 -34.58 -8.08 -16.51
C TRP E 36 -34.69 -9.04 -17.68
N VAL E 37 -35.48 -10.10 -17.50
CA VAL E 37 -35.66 -11.13 -18.52
C VAL E 37 -37.14 -11.38 -18.69
N ARG E 38 -37.60 -11.38 -19.94
CA ARG E 38 -38.99 -11.66 -20.27
C ARG E 38 -39.21 -13.15 -20.54
N GLN E 39 -40.48 -13.52 -20.60
CA GLN E 39 -40.86 -14.86 -21.05
C GLN E 39 -42.29 -14.78 -21.56
N ALA E 40 -42.47 -14.87 -22.88
CA ALA E 40 -43.80 -14.82 -23.46
C ALA E 40 -44.59 -16.06 -23.02
N PRO E 41 -45.93 -15.99 -23.07
CA PRO E 41 -46.74 -17.12 -22.60
C PRO E 41 -46.41 -18.46 -23.24
N GLU E 42 -46.05 -18.48 -24.52
CA GLU E 42 -45.71 -19.71 -25.22
C GLU E 42 -44.41 -19.55 -25.98
N LYS E 43 -43.42 -18.92 -25.37
CA LYS E 43 -42.12 -18.71 -26.01
C LYS E 43 -41.03 -18.80 -24.95
N GLY E 44 -39.80 -18.52 -25.38
CA GLY E 44 -38.64 -18.63 -24.52
C GLY E 44 -38.29 -17.32 -23.84
N LEU E 45 -37.12 -17.33 -23.19
CA LEU E 45 -36.65 -16.17 -22.44
C LEU E 45 -36.13 -15.09 -23.37
N GLU E 46 -36.19 -13.84 -22.89
CA GLU E 46 -35.71 -12.70 -23.67
C GLU E 46 -35.14 -11.66 -22.71
N TRP E 47 -33.89 -11.28 -22.93
CA TRP E 47 -33.24 -10.27 -22.10
C TRP E 47 -33.81 -8.88 -22.41
N VAL E 48 -33.87 -8.04 -21.37
CA VAL E 48 -34.49 -6.72 -21.52
C VAL E 48 -33.49 -5.62 -21.17
N ALA E 49 -32.99 -5.60 -19.95
CA ALA E 49 -32.15 -4.49 -19.50
C ALA E 49 -31.18 -4.99 -18.43
N TYR E 50 -30.13 -4.20 -18.23
CA TYR E 50 -29.10 -4.51 -17.24
C TYR E 50 -28.59 -3.22 -16.62
N ILE E 51 -28.44 -3.22 -15.30
CA ILE E 51 -27.86 -2.11 -14.55
C ILE E 51 -26.72 -2.65 -13.70
N SER E 52 -25.57 -1.97 -13.74
CA SER E 52 -24.40 -2.45 -13.04
C SER E 52 -24.41 -1.98 -11.58
N SER E 53 -23.52 -2.57 -10.79
CA SER E 53 -23.34 -2.12 -9.41
C SER E 53 -22.79 -0.69 -9.42
N GLY E 54 -23.43 0.18 -8.65
CA GLY E 54 -23.11 1.58 -8.69
C GLY E 54 -23.80 2.36 -9.79
N SER E 55 -24.66 1.71 -10.57
CA SER E 55 -25.42 2.36 -11.65
C SER E 55 -24.49 3.05 -12.65
N GLY E 56 -23.43 2.34 -13.05
CA GLY E 56 -22.46 2.88 -13.97
C GLY E 56 -22.76 2.57 -15.42
N THR E 57 -22.99 1.30 -15.73
CA THR E 57 -23.29 0.86 -17.09
C THR E 57 -24.72 0.37 -17.16
N ILE E 58 -25.47 0.85 -18.14
CA ILE E 58 -26.86 0.48 -18.34
C ILE E 58 -27.05 0.05 -19.79
N TYR E 59 -27.67 -1.10 -20.01
CA TYR E 59 -27.88 -1.65 -21.33
C TYR E 59 -29.35 -1.97 -21.52
N TYR E 60 -29.80 -1.90 -22.78
CA TYR E 60 -31.18 -2.22 -23.13
C TYR E 60 -31.19 -3.08 -24.40
N ALA E 61 -32.26 -3.85 -24.55
CA ALA E 61 -32.48 -4.57 -25.79
C ALA E 61 -32.93 -3.60 -26.88
N ASP E 62 -32.75 -4.03 -28.13
CA ASP E 62 -33.09 -3.18 -29.27
C ASP E 62 -34.60 -2.97 -29.40
N THR E 63 -35.41 -3.85 -28.83
CA THR E 63 -36.86 -3.73 -28.92
C THR E 63 -37.47 -2.90 -27.80
N VAL E 64 -36.69 -2.51 -26.80
CA VAL E 64 -37.17 -1.73 -25.68
C VAL E 64 -36.39 -0.43 -25.47
N LYS E 65 -35.39 -0.16 -26.30
CA LYS E 65 -34.60 1.05 -26.15
C LYS E 65 -35.45 2.27 -26.48
N GLY E 66 -35.41 3.26 -25.60
CA GLY E 66 -36.23 4.45 -25.74
C GLY E 66 -37.59 4.37 -25.10
N ARG E 67 -38.06 3.16 -24.78
CA ARG E 67 -39.34 2.95 -24.13
C ARG E 67 -39.22 2.44 -22.70
N PHE E 68 -38.18 1.69 -22.40
CA PHE E 68 -37.97 1.09 -21.08
C PHE E 68 -36.83 1.79 -20.37
N THR E 69 -36.96 1.97 -19.06
CA THR E 69 -35.93 2.58 -18.24
C THR E 69 -35.70 1.70 -17.01
N ILE E 70 -34.44 1.47 -16.69
CA ILE E 70 -34.05 0.62 -15.56
C ILE E 70 -33.34 1.49 -14.53
N SER E 71 -33.72 1.34 -13.27
CA SER E 71 -33.13 2.11 -12.19
C SER E 71 -33.19 1.30 -10.90
N ARG E 72 -32.33 1.67 -9.96
CA ARG E 72 -32.27 0.99 -8.67
C ARG E 72 -32.06 2.02 -7.57
N ASP E 73 -32.49 1.66 -6.36
CA ASP E 73 -32.21 2.45 -5.16
C ASP E 73 -31.62 1.51 -4.11
N ASP E 74 -30.30 1.52 -4.02
CA ASP E 74 -29.61 0.58 -3.12
C ASP E 74 -30.03 0.72 -1.65
N PRO E 75 -30.18 1.92 -1.07
CA PRO E 75 -30.64 1.98 0.32
C PRO E 75 -31.99 1.32 0.55
N LYS E 76 -32.88 1.33 -0.45
CA LYS E 76 -34.18 0.69 -0.33
C LYS E 76 -34.19 -0.76 -0.80
N ASN E 77 -33.07 -1.25 -1.35
CA ASN E 77 -32.95 -2.64 -1.80
C ASN E 77 -34.04 -3.00 -2.80
N THR E 78 -34.17 -2.20 -3.85
CA THR E 78 -35.24 -2.39 -4.83
C THR E 78 -34.73 -2.04 -6.21
N LEU E 79 -35.18 -2.81 -7.20
CA LEU E 79 -34.91 -2.55 -8.61
C LEU E 79 -36.20 -2.11 -9.29
N PHE E 80 -36.07 -1.21 -10.27
CA PHE E 80 -37.22 -0.66 -10.98
C PHE E 80 -37.07 -0.88 -12.48
N LEU E 81 -38.20 -0.92 -13.16
CA LEU E 81 -38.25 -0.99 -14.63
C LEU E 81 -39.42 -0.14 -15.09
N GLN E 82 -39.13 1.07 -15.57
CA GLN E 82 -40.16 2.00 -16.01
C GLN E 82 -40.44 1.75 -17.49
N MET E 83 -41.65 1.32 -17.79
CA MET E 83 -42.06 0.95 -19.14
C MET E 83 -43.06 1.97 -19.68
N THR E 84 -42.78 2.50 -20.88
CA THR E 84 -43.64 3.46 -21.52
C THR E 84 -43.97 2.99 -22.93
N SER E 85 -45.14 3.38 -23.42
CA SER E 85 -45.62 3.01 -24.75
C SER E 85 -45.67 1.50 -24.92
N LEU E 86 -46.48 0.86 -24.09
CA LEU E 86 -46.61 -0.59 -24.14
C LEU E 86 -47.33 -1.03 -25.41
N ARG E 87 -46.82 -2.09 -26.02
CA ARG E 87 -47.40 -2.69 -27.21
C ARG E 87 -47.90 -4.09 -26.89
N SER E 88 -48.59 -4.69 -27.86
CA SER E 88 -49.10 -6.04 -27.67
C SER E 88 -47.99 -7.08 -27.58
N GLU E 89 -46.79 -6.75 -28.01
CA GLU E 89 -45.66 -7.67 -27.94
C GLU E 89 -44.95 -7.65 -26.60
N ASP E 90 -45.35 -6.76 -25.69
CA ASP E 90 -44.75 -6.65 -24.37
C ASP E 90 -45.42 -7.54 -23.33
N THR E 91 -46.40 -8.35 -23.74
CA THR E 91 -47.11 -9.23 -22.82
C THR E 91 -46.24 -10.44 -22.51
N ALA E 92 -45.65 -10.45 -21.31
CA ALA E 92 -44.78 -11.54 -20.90
C ALA E 92 -44.62 -11.48 -19.39
N MET E 93 -43.91 -12.47 -18.85
CA MET E 93 -43.56 -12.51 -17.43
C MET E 93 -42.13 -12.00 -17.28
N TYR E 94 -41.96 -10.98 -16.44
CA TYR E 94 -40.68 -10.29 -16.29
C TYR E 94 -39.97 -10.82 -15.06
N TYR E 95 -38.74 -11.29 -15.25
CA TYR E 95 -37.94 -11.88 -14.18
C TYR E 95 -36.80 -10.96 -13.80
N CYS E 96 -36.52 -10.87 -12.51
CA CYS E 96 -35.39 -10.13 -11.99
C CYS E 96 -34.26 -11.09 -11.65
N VAL E 97 -33.08 -10.84 -12.19
CA VAL E 97 -31.94 -11.73 -12.06
C VAL E 97 -30.79 -10.96 -11.44
N ARG E 98 -30.18 -11.54 -10.41
CA ARG E 98 -28.98 -10.97 -9.80
C ARG E 98 -27.73 -11.55 -10.47
N SER E 99 -26.67 -10.74 -10.51
CA SER E 99 -25.44 -11.13 -11.18
C SER E 99 -24.27 -10.41 -10.56
N ILE E 100 -23.21 -11.15 -10.25
CA ILE E 100 -21.99 -10.59 -9.71
C ILE E 100 -20.85 -10.91 -10.66
N TYR E 101 -19.85 -10.02 -10.72
CA TYR E 101 -18.78 -10.11 -11.70
C TYR E 101 -17.43 -9.87 -11.03
N TYR E 102 -16.69 -10.95 -10.84
CA TYR E 102 -15.27 -10.90 -10.51
C TYR E 102 -14.66 -12.23 -10.93
N TYR E 103 -13.37 -12.41 -10.67
CA TYR E 103 -12.71 -13.64 -11.06
C TYR E 103 -13.30 -14.82 -10.30
N GLY E 104 -13.85 -15.77 -11.04
CA GLY E 104 -14.49 -16.92 -10.42
C GLY E 104 -15.90 -16.71 -9.95
N SER E 105 -16.62 -15.74 -10.52
CA SER E 105 -17.98 -15.46 -10.11
C SER E 105 -18.95 -16.46 -10.73
N SER E 106 -20.20 -16.38 -10.31
CA SER E 106 -21.30 -17.20 -10.83
C SER E 106 -22.45 -16.27 -11.21
N PRO E 107 -22.34 -15.62 -12.37
CA PRO E 107 -23.41 -14.70 -12.79
C PRO E 107 -24.71 -15.44 -13.06
N PHE E 108 -25.81 -14.69 -12.94
CA PHE E 108 -27.16 -15.20 -13.15
C PHE E 108 -27.46 -16.34 -12.17
N ASP E 109 -27.00 -16.18 -10.93
CA ASP E 109 -27.12 -17.25 -9.95
C ASP E 109 -28.55 -17.41 -9.44
N PHE E 110 -29.24 -16.30 -9.18
CA PHE E 110 -30.55 -16.34 -8.55
C PHE E 110 -31.58 -15.62 -9.41
N TRP E 111 -32.77 -16.21 -9.52
CA TRP E 111 -33.91 -15.62 -10.19
C TRP E 111 -35.07 -15.50 -9.22
N GLY E 112 -35.94 -14.53 -9.47
CA GLY E 112 -37.12 -14.31 -8.66
C GLY E 112 -38.38 -14.60 -9.45
N GLN E 113 -39.39 -15.12 -8.77
CA GLN E 113 -40.67 -15.43 -9.40
C GLN E 113 -41.32 -14.13 -9.85
N GLY E 114 -41.32 -13.89 -11.17
CA GLY E 114 -41.72 -12.62 -11.71
C GLY E 114 -43.23 -12.43 -11.75
N THR E 115 -43.62 -11.25 -12.23
CA THR E 115 -45.02 -10.86 -12.34
C THR E 115 -45.41 -10.81 -13.82
N THR E 116 -46.54 -11.44 -14.14
CA THR E 116 -47.02 -11.45 -15.51
C THR E 116 -47.54 -10.09 -15.93
N LEU E 117 -47.47 -9.82 -17.23
CA LEU E 117 -47.96 -8.58 -17.80
C LEU E 117 -48.87 -8.91 -18.98
N THR E 118 -50.05 -8.31 -19.01
CA THR E 118 -50.99 -8.47 -20.11
C THR E 118 -51.20 -7.11 -20.75
N VAL E 119 -50.78 -6.97 -22.00
CA VAL E 119 -50.91 -5.73 -22.75
C VAL E 119 -51.84 -6.01 -23.93
N SER E 120 -53.12 -5.70 -23.77
CA SER E 120 -54.10 -5.93 -24.82
C SER E 120 -55.31 -5.03 -24.64
N SER E 136 -23.58 -8.39 -35.76
CA SER E 136 -24.94 -8.36 -35.24
C SER E 136 -25.06 -9.21 -33.98
N ASP E 137 -26.30 -9.42 -33.53
CA ASP E 137 -26.53 -10.22 -32.33
C ASP E 137 -26.20 -11.69 -32.58
N ILE E 138 -25.67 -12.34 -31.55
CA ILE E 138 -25.34 -13.76 -31.66
C ILE E 138 -26.63 -14.57 -31.62
N VAL E 139 -26.80 -15.44 -32.60
CA VAL E 139 -27.99 -16.27 -32.70
C VAL E 139 -27.71 -17.61 -32.01
N MET E 140 -28.48 -17.91 -30.97
CA MET E 140 -28.38 -19.17 -30.26
C MET E 140 -29.46 -20.11 -30.79
N THR E 141 -29.06 -21.29 -31.25
CA THR E 141 -29.96 -22.24 -31.86
C THR E 141 -29.99 -23.53 -31.06
N GLN E 142 -31.19 -23.94 -30.66
CA GLN E 142 -31.42 -25.22 -30.01
C GLN E 142 -32.45 -25.96 -30.86
N ALA E 143 -31.96 -26.76 -31.81
CA ALA E 143 -32.85 -27.44 -32.74
C ALA E 143 -33.79 -28.40 -32.02
N THR E 144 -33.28 -29.14 -31.04
CA THR E 144 -34.13 -30.04 -30.28
C THR E 144 -35.12 -29.24 -29.44
N SER E 145 -36.39 -29.65 -29.49
CA SER E 145 -37.45 -29.00 -28.74
C SER E 145 -38.10 -29.92 -27.72
N SER E 146 -38.45 -31.14 -28.12
CA SER E 146 -39.03 -32.12 -27.22
C SER E 146 -38.22 -33.40 -27.27
N VAL E 147 -37.86 -33.91 -26.09
CA VAL E 147 -37.06 -35.13 -25.97
C VAL E 147 -37.68 -36.01 -24.90
N PRO E 148 -38.14 -37.21 -25.22
CA PRO E 148 -38.70 -38.09 -24.20
C PRO E 148 -37.59 -38.90 -23.52
N VAL E 149 -37.58 -38.88 -22.19
CA VAL E 149 -36.55 -39.51 -21.40
C VAL E 149 -37.18 -40.36 -20.32
N THR E 150 -36.39 -41.30 -19.78
CA THR E 150 -36.80 -42.21 -18.73
C THR E 150 -36.06 -41.91 -17.44
N PRO E 151 -36.66 -42.22 -16.29
CA PRO E 151 -35.99 -41.93 -15.01
C PRO E 151 -34.81 -42.85 -14.74
N GLY E 152 -33.66 -42.50 -15.29
CA GLY E 152 -32.45 -43.29 -15.10
C GLY E 152 -31.54 -43.31 -16.31
N GLU E 153 -32.04 -42.81 -17.44
CA GLU E 153 -31.24 -42.72 -18.65
C GLU E 153 -30.34 -41.49 -18.62
N SER E 154 -29.39 -41.46 -19.54
CA SER E 154 -28.47 -40.34 -19.70
C SER E 154 -28.79 -39.61 -21.00
N VAL E 155 -29.02 -38.30 -20.90
CA VAL E 155 -29.43 -37.49 -22.04
C VAL E 155 -28.41 -36.39 -22.26
N SER E 156 -28.42 -35.84 -23.47
CA SER E 156 -27.55 -34.73 -23.84
C SER E 156 -28.38 -33.66 -24.56
N ILE E 157 -28.14 -32.41 -24.22
CA ILE E 157 -28.84 -31.27 -24.81
C ILE E 157 -27.81 -30.40 -25.51
N SER E 158 -28.05 -30.10 -26.78
CA SER E 158 -27.12 -29.39 -27.62
C SER E 158 -27.58 -27.96 -27.88
N CYS E 159 -26.62 -27.06 -28.03
CA CYS E 159 -26.87 -25.67 -28.36
C CYS E 159 -25.82 -25.21 -29.37
N ARG E 160 -26.21 -24.26 -30.23
CA ARG E 160 -25.34 -23.76 -31.28
C ARG E 160 -25.26 -22.24 -31.22
N SER E 161 -24.13 -21.72 -31.68
CA SER E 161 -23.86 -20.28 -31.65
C SER E 161 -23.36 -19.82 -33.01
N SER E 162 -23.80 -18.63 -33.42
CA SER E 162 -23.36 -18.08 -34.70
C SER E 162 -21.88 -17.66 -34.65
N LYS E 163 -21.44 -17.15 -33.50
CA LYS E 163 -20.06 -16.72 -33.30
C LYS E 163 -19.35 -17.68 -32.36
N SER E 164 -18.03 -17.58 -32.34
CA SER E 164 -17.21 -18.37 -31.43
C SER E 164 -17.20 -17.70 -30.07
N LEU E 165 -17.81 -18.34 -29.08
CA LEU E 165 -17.88 -17.77 -27.74
C LEU E 165 -16.55 -17.81 -26.99
N LEU E 166 -15.54 -18.50 -27.53
CA LEU E 166 -14.25 -18.53 -26.88
C LEU E 166 -13.54 -17.18 -27.01
N HIS E 167 -13.08 -16.66 -25.89
CA HIS E 167 -12.39 -15.38 -25.84
C HIS E 167 -10.88 -15.58 -25.79
N SER E 168 -10.16 -14.48 -26.05
CA SER E 168 -8.70 -14.54 -26.03
C SER E 168 -8.14 -14.78 -24.63
N ASN E 169 -8.95 -14.59 -23.59
CA ASN E 169 -8.50 -14.80 -22.21
C ASN E 169 -8.78 -16.22 -21.72
N GLY E 170 -9.17 -17.12 -22.61
CA GLY E 170 -9.45 -18.49 -22.24
C GLY E 170 -10.82 -18.72 -21.63
N ASN E 171 -11.63 -17.69 -21.48
CA ASN E 171 -12.97 -17.80 -20.91
C ASN E 171 -14.00 -17.77 -22.03
N THR E 172 -14.70 -18.87 -22.23
CA THR E 172 -15.82 -18.94 -23.16
C THR E 172 -17.13 -18.93 -22.37
N TYR E 173 -18.10 -18.16 -22.88
CA TYR E 173 -19.24 -17.71 -22.09
C TYR E 173 -20.53 -18.38 -22.59
N LEU E 174 -20.85 -19.53 -22.02
CA LEU E 174 -22.12 -20.21 -22.25
C LEU E 174 -22.79 -20.47 -20.92
N TYR E 175 -24.11 -20.30 -20.87
CA TYR E 175 -24.86 -20.50 -19.64
C TYR E 175 -26.01 -21.47 -19.88
N TRP E 176 -26.28 -22.30 -18.88
CA TRP E 176 -27.34 -23.29 -18.93
C TRP E 176 -28.32 -23.04 -17.80
N PHE E 177 -29.60 -22.92 -18.13
CA PHE E 177 -30.65 -22.68 -17.16
C PHE E 177 -31.73 -23.75 -17.31
N LEU E 178 -32.30 -24.16 -16.18
CA LEU E 178 -33.39 -25.14 -16.15
C LEU E 178 -34.62 -24.47 -15.56
N GLN E 179 -35.74 -24.55 -16.29
CA GLN E 179 -37.00 -23.96 -15.85
C GLN E 179 -38.03 -25.07 -15.72
N ARG E 180 -38.20 -25.57 -14.50
CA ARG E 180 -39.25 -26.54 -14.24
C ARG E 180 -40.62 -25.86 -14.33
N PRO E 181 -41.67 -26.63 -14.63
CA PRO E 181 -43.00 -26.02 -14.78
C PRO E 181 -43.42 -25.28 -13.52
N GLY E 182 -44.00 -24.10 -13.71
CA GLY E 182 -44.42 -23.26 -12.60
C GLY E 182 -43.29 -22.80 -11.71
N GLN E 183 -42.11 -22.54 -12.28
CA GLN E 183 -40.97 -22.10 -11.49
C GLN E 183 -40.08 -21.20 -12.35
N SER E 184 -39.30 -20.37 -11.67
CA SER E 184 -38.32 -19.54 -12.34
C SER E 184 -37.08 -20.35 -12.71
N PRO E 185 -36.42 -20.00 -13.81
CA PRO E 185 -35.21 -20.74 -14.20
C PRO E 185 -34.11 -20.59 -13.17
N GLN E 186 -33.28 -21.62 -13.06
CA GLN E 186 -32.13 -21.62 -12.17
C GLN E 186 -30.88 -21.99 -12.95
N LEU E 187 -29.75 -21.46 -12.50
CA LEU E 187 -28.48 -21.70 -13.16
C LEU E 187 -27.97 -23.10 -12.86
N LEU E 188 -27.49 -23.79 -13.88
CA LEU E 188 -26.86 -25.10 -13.72
C LEU E 188 -25.37 -25.01 -14.00
N ILE E 189 -24.98 -24.52 -15.17
CA ILE E 189 -23.59 -24.43 -15.59
C ILE E 189 -23.32 -23.00 -16.04
N TYR E 190 -22.17 -22.45 -15.62
CA TYR E 190 -21.70 -21.11 -16.03
C TYR E 190 -20.37 -21.22 -16.76
N ARG E 191 -20.23 -20.62 -17.93
CA ARG E 191 -18.96 -20.61 -18.70
C ARG E 191 -18.64 -21.99 -19.29
N MET E 192 -19.64 -22.66 -19.83
CA MET E 192 -19.52 -23.94 -20.59
C MET E 192 -19.12 -25.13 -19.73
N SER E 193 -18.55 -24.94 -18.55
CA SER E 193 -18.04 -26.13 -17.83
C SER E 193 -18.12 -26.01 -16.31
N ASN E 194 -18.76 -24.98 -15.77
CA ASN E 194 -18.69 -24.76 -14.31
C ASN E 194 -20.03 -25.05 -13.63
N LEU E 195 -20.05 -25.82 -12.55
CA LEU E 195 -21.29 -26.20 -11.82
C LEU E 195 -21.64 -25.16 -10.77
N ALA E 196 -22.92 -24.83 -10.61
CA ALA E 196 -23.41 -23.84 -9.68
C ALA E 196 -23.65 -24.47 -8.31
N SER E 197 -23.69 -23.62 -7.29
CA SER E 197 -23.90 -24.10 -5.93
C SER E 197 -25.31 -24.67 -5.80
N GLY E 198 -25.40 -25.85 -5.17
CA GLY E 198 -26.67 -26.53 -5.01
C GLY E 198 -27.09 -27.39 -6.18
N VAL E 199 -26.30 -27.44 -7.24
CA VAL E 199 -26.62 -28.24 -8.42
C VAL E 199 -25.98 -29.61 -8.26
N PRO E 200 -26.73 -30.70 -8.46
CA PRO E 200 -26.14 -32.04 -8.34
C PRO E 200 -25.02 -32.25 -9.34
N ASP E 201 -24.02 -33.04 -8.93
CA ASP E 201 -22.83 -33.26 -9.73
C ASP E 201 -23.09 -34.05 -11.00
N ARG E 202 -24.28 -34.66 -11.14
CA ARG E 202 -24.57 -35.42 -12.36
C ARG E 202 -24.68 -34.51 -13.57
N PHE E 203 -25.00 -33.24 -13.37
CA PHE E 203 -25.03 -32.29 -14.48
C PHE E 203 -23.60 -31.95 -14.91
N SER E 204 -23.36 -31.99 -16.21
CA SER E 204 -22.04 -31.69 -16.75
C SER E 204 -22.19 -31.03 -18.11
N GLY E 205 -21.35 -30.05 -18.38
CA GLY E 205 -21.37 -29.31 -19.63
C GLY E 205 -20.01 -29.34 -20.30
N SER E 206 -20.02 -29.38 -21.62
CA SER E 206 -18.79 -29.41 -22.40
C SER E 206 -19.08 -28.88 -23.80
N GLY E 207 -18.02 -28.57 -24.52
CA GLY E 207 -18.14 -28.09 -25.87
C GLY E 207 -16.92 -27.30 -26.27
N SER E 208 -17.03 -26.64 -27.43
CA SER E 208 -15.96 -25.82 -27.97
C SER E 208 -16.60 -24.61 -28.63
N GLY E 209 -15.83 -23.91 -29.45
CA GLY E 209 -16.37 -22.79 -30.20
C GLY E 209 -17.48 -23.20 -31.14
N THR E 210 -18.63 -22.52 -31.03
CA THR E 210 -19.78 -22.74 -31.91
C THR E 210 -20.31 -24.18 -31.82
N ALA E 211 -20.09 -24.85 -30.69
CA ALA E 211 -20.58 -26.21 -30.50
C ALA E 211 -20.60 -26.50 -29.02
N PHE E 212 -21.77 -26.83 -28.48
CA PHE E 212 -21.93 -27.01 -27.05
C PHE E 212 -22.90 -28.15 -26.78
N THR E 213 -22.76 -28.74 -25.59
CA THR E 213 -23.64 -29.82 -25.16
C THR E 213 -23.71 -29.83 -23.64
N LEU E 214 -24.84 -30.30 -23.11
CA LEU E 214 -25.05 -30.45 -21.67
C LEU E 214 -25.50 -31.88 -21.41
N THR E 215 -24.78 -32.57 -20.53
CA THR E 215 -25.03 -33.97 -20.23
C THR E 215 -25.68 -34.10 -18.85
N ILE E 216 -26.80 -34.82 -18.79
CA ILE E 216 -27.49 -35.10 -17.54
C ILE E 216 -27.41 -36.61 -17.33
N SER E 217 -26.44 -37.05 -16.54
CA SER E 217 -26.28 -38.47 -16.24
C SER E 217 -27.24 -38.88 -15.13
N ARG E 218 -27.83 -40.07 -15.29
CA ARG E 218 -28.79 -40.62 -14.33
C ARG E 218 -29.96 -39.65 -14.11
N LEU E 219 -30.71 -39.43 -15.19
CA LEU E 219 -31.85 -38.54 -15.12
C LEU E 219 -32.91 -39.09 -14.17
N GLU E 220 -33.53 -38.21 -13.41
CA GLU E 220 -34.55 -38.58 -12.44
C GLU E 220 -35.62 -37.50 -12.43
N ALA E 221 -36.51 -37.57 -11.45
CA ALA E 221 -37.52 -36.52 -11.28
C ALA E 221 -36.84 -35.22 -10.88
N GLU E 222 -37.60 -34.12 -11.00
CA GLU E 222 -37.16 -32.75 -10.77
C GLU E 222 -36.16 -32.27 -11.81
N ASP E 223 -35.79 -33.11 -12.78
CA ASP E 223 -34.94 -32.72 -13.89
C ASP E 223 -35.72 -32.45 -15.16
N VAL E 224 -37.04 -32.62 -15.13
CA VAL E 224 -37.87 -32.36 -16.30
C VAL E 224 -38.17 -30.88 -16.39
N GLY E 225 -38.14 -30.35 -17.61
CA GLY E 225 -38.37 -28.93 -17.82
C GLY E 225 -37.78 -28.51 -19.16
N VAL E 226 -37.58 -27.20 -19.28
CA VAL E 226 -37.03 -26.59 -20.49
C VAL E 226 -35.65 -26.05 -20.18
N TYR E 227 -34.66 -26.46 -20.97
CA TYR E 227 -33.28 -26.03 -20.79
C TYR E 227 -32.93 -24.97 -21.82
N TYR E 228 -32.33 -23.87 -21.37
CA TYR E 228 -32.00 -22.74 -22.22
C TYR E 228 -30.49 -22.51 -22.20
N CYS E 229 -29.94 -22.15 -23.36
CA CYS E 229 -28.54 -21.77 -23.48
C CYS E 229 -28.47 -20.27 -23.76
N MET E 230 -27.64 -19.57 -23.00
CA MET E 230 -27.53 -18.12 -23.09
C MET E 230 -26.05 -17.73 -23.13
N GLN E 231 -25.73 -16.75 -23.96
CA GLN E 231 -24.37 -16.29 -24.17
C GLN E 231 -24.15 -14.95 -23.48
N HIS E 232 -23.01 -14.81 -22.80
CA HIS E 232 -22.64 -13.57 -22.13
C HIS E 232 -21.37 -12.96 -22.73
N LEU E 233 -21.05 -13.31 -23.99
CA LEU E 233 -19.86 -12.78 -24.63
C LEU E 233 -19.97 -11.27 -24.83
N GLU E 234 -21.14 -10.81 -25.27
CA GLU E 234 -21.36 -9.38 -25.47
C GLU E 234 -22.86 -9.12 -25.45
N TYR E 235 -23.21 -7.87 -25.18
CA TYR E 235 -24.61 -7.47 -25.17
C TYR E 235 -25.09 -7.17 -26.59
N PRO E 236 -26.38 -7.44 -26.89
CA PRO E 236 -27.40 -7.97 -26.00
C PRO E 236 -27.26 -9.48 -25.75
N LEU E 237 -27.77 -9.94 -24.62
CA LEU E 237 -27.71 -11.35 -24.26
C LEU E 237 -28.86 -12.09 -24.94
N THR E 238 -28.53 -13.19 -25.62
CA THR E 238 -29.49 -13.94 -26.42
C THR E 238 -29.65 -15.34 -25.84
N PHE E 239 -30.89 -15.83 -25.86
CA PHE E 239 -31.23 -17.15 -25.36
C PHE E 239 -31.52 -18.08 -26.54
N GLY E 240 -31.82 -19.34 -26.22
CA GLY E 240 -32.24 -20.32 -27.20
C GLY E 240 -33.75 -20.55 -27.16
N ALA E 241 -34.20 -21.37 -28.10
CA ALA E 241 -35.62 -21.70 -28.17
C ALA E 241 -36.06 -22.48 -26.94
N GLY E 242 -35.24 -23.41 -26.47
CA GLY E 242 -35.56 -24.19 -25.29
C GLY E 242 -35.81 -25.66 -25.60
N THR E 243 -35.06 -26.54 -24.95
CA THR E 243 -35.22 -27.98 -25.12
C THR E 243 -36.03 -28.52 -23.95
N LYS E 244 -37.19 -29.11 -24.25
CA LYS E 244 -38.11 -29.61 -23.24
C LYS E 244 -37.95 -31.12 -23.09
N LEU E 245 -37.72 -31.56 -21.85
CA LEU E 245 -37.65 -32.98 -21.53
C LEU E 245 -38.99 -33.43 -20.98
N GLU E 246 -39.52 -34.51 -21.53
CA GLU E 246 -40.80 -35.07 -21.10
C GLU E 246 -40.61 -36.50 -20.63
N LEU E 247 -41.26 -36.83 -19.51
CA LEU E 247 -41.17 -38.16 -18.94
C LEU E 247 -42.09 -39.13 -19.66
#